data_4JVG
#
_entry.id   4JVG
#
_cell.length_a   54.997
_cell.length_b   120.610
_cell.length_c   81.714
_cell.angle_alpha   90.00
_cell.angle_beta   90.44
_cell.angle_gamma   90.00
#
_symmetry.space_group_name_H-M   'P 1 21 1'
#
loop_
_entity.id
_entity.type
_entity.pdbx_description
1 polymer 'Serine/threonine-protein kinase B-raf'
2 non-polymer 1-(5-TERT-BUTYL-2-P-TOLYL-2H-PYRAZOL-3-YL)-3-[4-(2-MORPHOLIN-4-YL-ETHOXY)-NAPHTHALEN-1-YL]-UREA
#
_entity_poly.entity_id   1
_entity_poly.type   'polypeptide(L)'
_entity_poly.pdbx_seq_one_letter_code
;GAMDRDSSDDWEIPDGQITVGQRIGSGSFGTVYKGKWHGDVAVKMLNVTAPTPQQLQAFKNEVGVLRKTRHVNILLFMGY
STKPQLAIVTQWCEGSSLYHHLHASETKFEMKKLIDIARQTARGMDYLHAKSIIHRDLKSNNIFLHEDNTVKIGDFGLAT
VKSRWSGSHQFEQLSGSILWMAPEVIRMQDSNPYSFQSDVYAFGIVLYELMTGQLPYSNINNRDQIIEMVGRGSLSPDLS
KVRSNCPKRMKRLMAECLKKKRDERPSFPRILAEIEELARELSG
;
_entity_poly.pdbx_strand_id   B,A,C,D
#
loop_
_chem_comp.id
_chem_comp.type
_chem_comp.name
_chem_comp.formula
B96 non-polymer 1-(5-TERT-BUTYL-2-P-TOLYL-2H-PYRAZOL-3-YL)-3-[4-(2-MORPHOLIN-4-YL-ETHOXY)-NAPHTHALEN-1-YL]-UREA 'C31 H37 N5 O3'
#
# COMPACT_ATOMS: atom_id res chain seq x y z
N ASP A 9 -22.42 -14.06 12.19
CA ASP A 9 -21.10 -13.44 12.01
C ASP A 9 -21.24 -12.22 11.12
N ASP A 10 -20.15 -11.48 10.94
CA ASP A 10 -20.19 -10.29 10.09
C ASP A 10 -19.10 -10.24 9.03
N TRP A 11 -19.50 -10.33 7.78
CA TRP A 11 -18.57 -10.34 6.66
C TRP A 11 -18.38 -9.03 5.92
N GLU A 12 -19.03 -7.97 6.38
CA GLU A 12 -18.86 -6.69 5.71
C GLU A 12 -17.48 -6.10 6.00
N ILE A 13 -16.78 -5.70 4.93
CA ILE A 13 -15.45 -5.16 5.05
C ILE A 13 -15.51 -3.64 5.03
N PRO A 14 -14.97 -3.00 6.09
CA PRO A 14 -14.98 -1.54 6.22
C PRO A 14 -14.52 -0.87 4.93
N ASP A 15 -15.10 0.28 4.64
CA ASP A 15 -14.81 0.99 3.40
C ASP A 15 -13.33 1.36 3.26
N GLY A 16 -12.81 1.20 2.03
CA GLY A 16 -11.48 1.71 1.71
C GLY A 16 -10.33 0.86 2.22
N GLN A 17 -10.66 -0.27 2.85
CA GLN A 17 -9.66 -1.19 3.37
C GLN A 17 -8.99 -1.94 2.24
N ILE A 18 -9.79 -2.29 1.24
CA ILE A 18 -9.30 -3.04 0.10
C ILE A 18 -8.56 -2.15 -0.91
N THR A 19 -7.68 -2.77 -1.69
CA THR A 19 -6.89 -2.06 -2.67
C THR A 19 -6.95 -2.83 -3.99
N VAL A 20 -7.38 -2.16 -5.05
CA VAL A 20 -7.64 -2.86 -6.32
C VAL A 20 -6.47 -2.81 -7.30
N GLY A 21 -5.94 -3.98 -7.63
CA GLY A 21 -4.87 -4.08 -8.60
C GLY A 21 -5.44 -4.09 -10.00
N GLN A 22 -4.72 -4.72 -10.91
CA GLN A 22 -5.05 -4.74 -12.34
C GLN A 22 -6.27 -5.56 -12.64
N ARG A 23 -7.10 -5.07 -13.56
CA ARG A 23 -8.29 -5.82 -13.96
C ARG A 23 -7.91 -7.26 -14.33
N ILE A 24 -8.58 -8.24 -13.74
CA ILE A 24 -8.36 -9.63 -14.10
C ILE A 24 -9.41 -10.19 -15.07
N GLY A 25 -10.52 -9.46 -15.21
CA GLY A 25 -11.57 -9.86 -16.12
C GLY A 25 -12.82 -9.02 -15.97
N SER A 26 -13.66 -9.00 -17.00
CA SER A 26 -14.84 -8.13 -17.03
C SER A 26 -16.07 -8.77 -17.68
N GLY A 27 -17.20 -8.68 -17.00
CA GLY A 27 -18.44 -9.19 -17.55
C GLY A 27 -19.55 -8.27 -17.99
N SER A 28 -19.56 -7.02 -17.54
CA SER A 28 -20.72 -6.17 -17.84
C SER A 28 -21.95 -7.07 -17.77
N PHE A 29 -22.27 -7.55 -16.58
CA PHE A 29 -21.89 -6.90 -15.32
C PHE A 29 -20.82 -7.66 -14.54
N GLY A 30 -20.06 -6.89 -13.78
CA GLY A 30 -19.03 -7.45 -12.94
C GLY A 30 -17.66 -7.31 -13.58
N THR A 31 -16.67 -7.10 -12.73
CA THR A 31 -15.29 -7.02 -13.15
C THR A 31 -14.47 -7.49 -11.97
N VAL A 32 -13.42 -8.26 -12.23
CA VAL A 32 -12.57 -8.71 -11.13
C VAL A 32 -11.13 -8.20 -11.22
N TYR A 33 -10.67 -7.65 -10.11
CA TYR A 33 -9.35 -7.07 -10.01
C TYR A 33 -8.53 -7.92 -9.06
N LYS A 34 -7.22 -7.89 -9.22
CA LYS A 34 -6.35 -8.51 -8.22
C LYS A 34 -6.11 -7.48 -7.10
N GLY A 35 -6.56 -7.82 -5.90
CA GLY A 35 -6.53 -6.88 -4.80
C GLY A 35 -5.53 -7.20 -3.72
N LYS A 36 -5.51 -6.33 -2.71
CA LYS A 36 -4.77 -6.58 -1.49
C LYS A 36 -5.65 -6.25 -0.30
N TRP A 37 -6.02 -7.30 0.43
CA TRP A 37 -6.62 -7.17 1.75
C TRP A 37 -6.00 -8.26 2.61
N HIS A 38 -5.23 -7.87 3.61
CA HIS A 38 -4.52 -8.86 4.45
C HIS A 38 -3.99 -9.99 3.57
N GLY A 39 -3.09 -9.67 2.66
CA GLY A 39 -2.63 -10.66 1.68
C GLY A 39 -3.31 -10.45 0.34
N ASP A 40 -3.17 -11.42 -0.56
CA ASP A 40 -3.76 -11.31 -1.91
C ASP A 40 -5.23 -11.68 -1.90
N VAL A 41 -6.01 -11.05 -2.77
CA VAL A 41 -7.42 -11.37 -2.91
C VAL A 41 -7.91 -11.10 -4.32
N ALA A 42 -9.09 -11.61 -4.65
CA ALA A 42 -9.75 -11.24 -5.88
C ALA A 42 -11.11 -10.64 -5.54
N VAL A 43 -11.41 -9.53 -6.20
CA VAL A 43 -12.64 -8.79 -5.95
C VAL A 43 -13.40 -8.53 -7.21
N LYS A 44 -14.70 -8.77 -7.14
CA LYS A 44 -15.59 -8.45 -8.24
C LYS A 44 -16.53 -7.30 -7.84
N MET A 45 -16.60 -6.28 -8.67
CA MET A 45 -17.42 -5.14 -8.33
C MET A 45 -18.17 -4.59 -9.53
N LEU A 46 -19.23 -3.85 -9.28
CA LEU A 46 -19.96 -3.17 -10.34
C LEU A 46 -19.64 -1.69 -10.37
N ASN A 47 -18.77 -1.33 -11.30
CA ASN A 47 -18.14 0.00 -11.33
C ASN A 47 -19.15 1.06 -11.65
N VAL A 48 -20.33 0.63 -12.08
CA VAL A 48 -21.39 1.54 -12.41
C VAL A 48 -21.50 2.47 -11.20
N THR A 49 -21.59 3.77 -11.48
CA THR A 49 -21.57 4.76 -10.44
C THR A 49 -22.55 4.40 -9.35
N ALA A 50 -23.79 4.17 -9.75
CA ALA A 50 -24.82 3.89 -8.79
C ALA A 50 -25.28 2.49 -9.05
N PRO A 51 -25.54 1.74 -7.98
CA PRO A 51 -26.00 0.38 -8.19
C PRO A 51 -27.46 0.36 -8.66
N THR A 52 -27.76 -0.33 -9.75
CA THR A 52 -29.14 -0.49 -10.21
C THR A 52 -29.81 -1.47 -9.27
N PRO A 53 -31.14 -1.60 -9.38
CA PRO A 53 -31.91 -2.60 -8.64
C PRO A 53 -31.56 -4.02 -9.08
N GLN A 54 -31.34 -4.21 -10.38
CA GLN A 54 -30.85 -5.48 -10.88
C GLN A 54 -29.62 -5.87 -10.10
N GLN A 55 -28.54 -5.13 -10.35
CA GLN A 55 -27.25 -5.43 -9.74
C GLN A 55 -27.41 -5.70 -8.26
N LEU A 56 -28.11 -4.81 -7.56
CA LEU A 56 -28.24 -4.92 -6.12
C LEU A 56 -28.75 -6.32 -5.80
N GLN A 57 -29.29 -6.99 -6.80
CA GLN A 57 -29.63 -8.42 -6.70
C GLN A 57 -28.43 -9.38 -6.82
N ALA A 58 -27.75 -9.36 -7.97
CA ALA A 58 -26.62 -10.25 -8.22
C ALA A 58 -25.65 -10.21 -7.05
N PHE A 59 -25.64 -9.07 -6.37
CA PHE A 59 -24.84 -8.90 -5.18
C PHE A 59 -25.49 -9.61 -4.01
N LYS A 60 -26.69 -9.18 -3.65
CA LYS A 60 -27.42 -9.76 -2.53
C LYS A 60 -27.40 -11.28 -2.59
N ASN A 61 -27.73 -11.82 -3.76
CA ASN A 61 -27.84 -13.26 -3.95
C ASN A 61 -26.51 -13.98 -3.80
N GLU A 62 -25.52 -13.52 -4.56
CA GLU A 62 -24.21 -14.17 -4.61
C GLU A 62 -23.51 -14.18 -3.25
N VAL A 63 -23.76 -13.16 -2.44
CA VAL A 63 -23.21 -13.20 -1.10
C VAL A 63 -24.07 -14.17 -0.29
N GLY A 64 -25.37 -14.15 -0.56
CA GLY A 64 -26.27 -15.07 0.09
C GLY A 64 -25.75 -16.48 0.02
N VAL A 65 -25.31 -16.87 -1.17
CA VAL A 65 -24.87 -18.25 -1.41
C VAL A 65 -23.48 -18.52 -0.84
N LEU A 66 -22.54 -17.61 -1.11
CA LEU A 66 -21.15 -17.82 -0.78
C LEU A 66 -20.90 -17.87 0.72
N ARG A 67 -21.69 -17.08 1.43
CA ARG A 67 -21.60 -17.05 2.87
C ARG A 67 -21.67 -18.47 3.41
N LYS A 68 -22.46 -19.32 2.76
CA LYS A 68 -22.83 -20.63 3.29
C LYS A 68 -21.87 -21.75 2.92
N THR A 69 -20.75 -21.37 2.30
CA THR A 69 -19.77 -22.35 1.82
C THR A 69 -18.42 -22.22 2.53
N ARG A 70 -18.04 -23.26 3.26
CA ARG A 70 -16.66 -23.42 3.71
C ARG A 70 -16.22 -24.79 3.33
N HIS A 71 -15.40 -24.87 2.31
CA HIS A 71 -14.92 -26.15 1.87
C HIS A 71 -13.63 -25.92 1.13
N VAL A 72 -12.77 -26.93 1.14
CA VAL A 72 -11.48 -26.85 0.46
C VAL A 72 -11.66 -26.67 -1.05
N ASN A 73 -12.66 -27.35 -1.60
CA ASN A 73 -12.90 -27.33 -3.05
C ASN A 73 -13.89 -26.29 -3.52
N ILE A 74 -14.49 -25.56 -2.59
CA ILE A 74 -15.20 -24.34 -2.99
C ILE A 74 -14.30 -23.14 -2.82
N LEU A 75 -14.27 -22.31 -3.85
CA LEU A 75 -13.49 -21.11 -3.83
C LEU A 75 -13.88 -20.36 -2.55
N LEU A 76 -12.90 -19.71 -1.93
CA LEU A 76 -13.11 -19.20 -0.58
C LEU A 76 -13.66 -17.80 -0.58
N PHE A 77 -14.89 -17.68 -0.08
CA PHE A 77 -15.54 -16.38 0.12
C PHE A 77 -15.02 -15.75 1.39
N MET A 78 -14.66 -14.46 1.27
CA MET A 78 -13.92 -13.74 2.31
C MET A 78 -14.71 -12.63 2.94
N GLY A 79 -15.24 -11.73 2.12
CA GLY A 79 -16.11 -10.68 2.62
C GLY A 79 -16.74 -9.88 1.50
N TYR A 80 -17.64 -8.99 1.86
CA TYR A 80 -18.30 -8.13 0.89
C TYR A 80 -18.19 -6.68 1.31
N SER A 81 -18.48 -5.78 0.38
CA SER A 81 -18.49 -4.34 0.69
C SER A 81 -19.43 -3.56 -0.23
N THR A 82 -19.91 -2.42 0.26
CA THR A 82 -20.91 -1.61 -0.45
C THR A 82 -20.44 -0.23 -0.95
N LYS A 83 -19.98 0.60 -0.02
CA LYS A 83 -19.83 2.05 -0.23
C LYS A 83 -19.06 2.59 -1.46
N PRO A 84 -17.76 2.25 -1.60
CA PRO A 84 -17.05 2.82 -2.76
C PRO A 84 -17.73 2.36 -4.06
N GLN A 85 -18.10 1.07 -4.06
CA GLN A 85 -18.88 0.44 -5.12
C GLN A 85 -19.07 -0.97 -4.58
N LEU A 86 -20.16 -1.62 -4.97
CA LEU A 86 -20.51 -2.93 -4.43
C LEU A 86 -19.38 -3.87 -4.78
N ALA A 87 -18.99 -4.74 -3.85
CA ALA A 87 -17.85 -5.63 -4.13
C ALA A 87 -17.88 -6.96 -3.39
N ILE A 88 -17.26 -7.98 -4.00
CA ILE A 88 -17.18 -9.28 -3.37
C ILE A 88 -15.75 -9.79 -3.39
N VAL A 89 -15.29 -10.26 -2.22
CA VAL A 89 -13.88 -10.63 -2.04
C VAL A 89 -13.70 -12.11 -1.87
N THR A 90 -12.74 -12.68 -2.60
CA THR A 90 -12.39 -14.08 -2.46
C THR A 90 -10.88 -14.22 -2.46
N GLN A 91 -10.41 -15.39 -2.08
CA GLN A 91 -8.98 -15.69 -2.09
C GLN A 91 -8.46 -15.53 -3.48
N TRP A 92 -7.18 -15.22 -3.59
CA TRP A 92 -6.53 -15.15 -4.88
C TRP A 92 -5.80 -16.45 -5.07
N CYS A 93 -6.00 -17.11 -6.21
CA CYS A 93 -5.33 -18.38 -6.44
C CYS A 93 -4.49 -18.32 -7.68
N GLU A 94 -3.31 -18.93 -7.64
CA GLU A 94 -2.51 -19.10 -8.84
C GLU A 94 -2.86 -20.43 -9.48
N GLY A 95 -3.09 -20.41 -10.79
CA GLY A 95 -3.37 -21.61 -11.55
C GLY A 95 -4.29 -21.26 -12.70
N SER A 96 -4.70 -22.24 -13.48
CA SER A 96 -5.65 -21.97 -14.56
C SER A 96 -6.88 -22.86 -14.51
N SER A 97 -7.96 -22.39 -15.12
CA SER A 97 -9.20 -23.14 -15.16
C SER A 97 -8.95 -24.49 -15.81
N LEU A 98 -9.73 -25.48 -15.41
CA LEU A 98 -9.65 -26.80 -16.00
C LEU A 98 -9.85 -26.67 -17.49
N TYR A 99 -10.85 -25.90 -17.89
CA TYR A 99 -11.10 -25.70 -19.31
C TYR A 99 -9.80 -25.34 -19.96
N HIS A 100 -9.08 -24.42 -19.33
CA HIS A 100 -7.80 -23.98 -19.83
C HIS A 100 -6.83 -25.14 -20.02
N HIS A 101 -6.54 -25.88 -18.96
CA HIS A 101 -5.59 -26.96 -19.04
C HIS A 101 -5.96 -28.00 -20.09
N LEU A 102 -7.26 -28.26 -20.19
CA LEU A 102 -7.74 -29.28 -21.11
C LEU A 102 -7.69 -28.81 -22.55
N HIS A 103 -8.54 -27.84 -22.89
CA HIS A 103 -8.66 -27.36 -24.26
C HIS A 103 -7.74 -26.20 -24.66
N ALA A 104 -7.26 -25.47 -23.66
CA ALA A 104 -6.43 -24.26 -23.85
C ALA A 104 -4.92 -24.50 -23.69
N SER A 105 -4.49 -25.74 -23.56
CA SER A 105 -3.10 -26.00 -23.26
C SER A 105 -2.62 -27.36 -23.78
N GLU A 106 -1.29 -27.48 -23.99
CA GLU A 106 -0.66 -28.73 -24.39
C GLU A 106 -0.68 -29.68 -23.21
N THR A 107 -1.15 -29.17 -22.07
CA THR A 107 -1.02 -29.85 -20.80
C THR A 107 -1.55 -31.27 -20.81
N LYS A 108 -0.70 -32.20 -20.40
CA LYS A 108 -1.06 -33.60 -20.27
C LYS A 108 -1.06 -34.02 -18.81
N PHE A 109 -2.19 -34.52 -18.35
CA PHE A 109 -2.30 -35.00 -16.99
C PHE A 109 -2.23 -36.49 -16.94
N GLU A 110 -1.45 -37.00 -16.00
CA GLU A 110 -1.49 -38.41 -15.68
C GLU A 110 -2.92 -38.77 -15.31
N MET A 111 -3.35 -39.95 -15.71
CA MET A 111 -4.68 -40.39 -15.32
C MET A 111 -4.90 -40.16 -13.81
N LYS A 112 -3.88 -40.41 -12.99
CA LYS A 112 -4.01 -40.16 -11.56
C LYS A 112 -4.54 -38.75 -11.32
N LYS A 113 -3.86 -37.76 -11.89
CA LYS A 113 -4.31 -36.38 -11.74
C LYS A 113 -5.75 -36.28 -12.19
N LEU A 114 -5.99 -36.69 -13.42
CA LEU A 114 -7.34 -36.63 -13.97
C LEU A 114 -8.34 -37.22 -12.98
N ILE A 115 -8.09 -38.45 -12.55
CA ILE A 115 -9.02 -39.09 -11.63
C ILE A 115 -9.24 -38.18 -10.43
N ASP A 116 -8.14 -37.76 -9.79
CA ASP A 116 -8.20 -36.92 -8.59
C ASP A 116 -8.95 -35.62 -8.83
N ILE A 117 -8.68 -34.96 -9.94
CA ILE A 117 -9.43 -33.78 -10.34
C ILE A 117 -10.92 -34.07 -10.21
N ALA A 118 -11.31 -35.24 -10.69
CA ALA A 118 -12.69 -35.67 -10.62
C ALA A 118 -13.09 -35.88 -9.17
N ARG A 119 -12.24 -36.58 -8.40
CA ARG A 119 -12.52 -36.83 -6.99
C ARG A 119 -12.77 -35.52 -6.25
N GLN A 120 -11.82 -34.61 -6.37
CA GLN A 120 -11.94 -33.29 -5.74
C GLN A 120 -13.20 -32.55 -6.17
N THR A 121 -13.51 -32.61 -7.46
CA THR A 121 -14.69 -31.90 -7.95
C THR A 121 -15.96 -32.48 -7.33
N ALA A 122 -15.99 -33.80 -7.18
CA ALA A 122 -17.16 -34.47 -6.61
C ALA A 122 -17.30 -34.16 -5.12
N ARG A 123 -16.17 -34.17 -4.42
CA ARG A 123 -16.12 -33.70 -3.05
C ARG A 123 -16.72 -32.30 -2.98
N GLY A 124 -16.30 -31.43 -3.90
CA GLY A 124 -16.83 -30.09 -3.93
C GLY A 124 -18.33 -30.09 -4.15
N MET A 125 -18.75 -30.78 -5.21
CA MET A 125 -20.14 -30.81 -5.63
C MET A 125 -21.05 -31.48 -4.59
N ASP A 126 -20.55 -32.55 -3.97
CA ASP A 126 -21.34 -33.21 -2.96
C ASP A 126 -21.67 -32.22 -1.86
N TYR A 127 -20.67 -31.44 -1.47
CA TYR A 127 -20.80 -30.44 -0.40
C TYR A 127 -21.96 -29.48 -0.67
N LEU A 128 -21.94 -28.82 -1.82
CA LEU A 128 -22.99 -27.90 -2.21
C LEU A 128 -24.36 -28.53 -2.03
N HIS A 129 -24.58 -29.61 -2.78
CA HIS A 129 -25.84 -30.34 -2.77
C HIS A 129 -26.30 -30.64 -1.34
N ALA A 130 -25.43 -31.21 -0.52
CA ALA A 130 -25.76 -31.40 0.88
C ALA A 130 -26.28 -30.10 1.49
N LYS A 131 -25.69 -28.98 1.13
CA LYS A 131 -26.02 -27.71 1.73
C LYS A 131 -27.19 -27.09 0.99
N SER A 132 -27.75 -27.89 0.10
CA SER A 132 -28.96 -27.58 -0.68
C SER A 132 -28.69 -26.43 -1.63
N ILE A 133 -27.53 -26.52 -2.28
CA ILE A 133 -27.11 -25.55 -3.26
C ILE A 133 -26.99 -26.20 -4.62
N ILE A 134 -27.67 -25.62 -5.59
CA ILE A 134 -27.57 -26.08 -6.96
C ILE A 134 -26.69 -25.09 -7.69
N HIS A 135 -25.60 -25.59 -8.28
CA HIS A 135 -24.67 -24.73 -8.97
C HIS A 135 -25.29 -24.07 -10.18
N ARG A 136 -25.99 -24.87 -10.98
CA ARG A 136 -26.78 -24.34 -12.07
C ARG A 136 -25.92 -23.98 -13.26
N ASP A 137 -24.60 -24.08 -13.11
CA ASP A 137 -23.70 -23.80 -14.21
C ASP A 137 -22.43 -24.62 -14.29
N LEU A 138 -22.37 -25.77 -13.65
CA LEU A 138 -21.08 -26.47 -13.59
C LEU A 138 -20.45 -26.62 -14.97
N LYS A 139 -19.13 -26.52 -15.04
CA LYS A 139 -18.41 -26.76 -16.30
C LYS A 139 -16.91 -26.59 -16.12
N SER A 140 -16.13 -27.08 -17.07
CA SER A 140 -14.67 -27.07 -16.89
C SER A 140 -14.08 -25.67 -16.73
N ASN A 141 -14.72 -24.65 -17.30
CA ASN A 141 -14.32 -23.25 -17.06
C ASN A 141 -14.42 -22.84 -15.59
N ASN A 142 -15.53 -23.22 -14.96
CA ASN A 142 -15.83 -22.82 -13.58
C ASN A 142 -15.14 -23.72 -12.58
N ILE A 143 -14.33 -24.65 -13.07
CA ILE A 143 -13.49 -25.43 -12.17
C ILE A 143 -12.08 -24.88 -12.19
N PHE A 144 -11.61 -24.39 -11.06
CA PHE A 144 -10.30 -23.78 -11.02
C PHE A 144 -9.22 -24.70 -10.45
N LEU A 145 -8.05 -24.68 -11.07
CA LEU A 145 -6.93 -25.47 -10.59
C LEU A 145 -5.90 -24.63 -9.86
N HIS A 146 -5.89 -24.77 -8.54
CA HIS A 146 -5.12 -23.93 -7.65
C HIS A 146 -3.76 -24.52 -7.41
N GLU A 147 -2.72 -23.70 -7.55
CA GLU A 147 -1.35 -24.16 -7.49
C GLU A 147 -1.23 -25.22 -8.57
N ASP A 148 -2.18 -25.18 -9.49
CA ASP A 148 -2.31 -26.21 -10.52
C ASP A 148 -2.70 -27.56 -9.89
N ASN A 149 -2.83 -27.52 -8.58
CA ASN A 149 -2.93 -28.71 -7.73
C ASN A 149 -4.35 -29.15 -7.34
N THR A 150 -5.06 -28.26 -6.65
CA THR A 150 -6.33 -28.63 -6.07
C THR A 150 -7.47 -27.82 -6.66
N VAL A 151 -8.67 -28.35 -6.53
CA VAL A 151 -9.81 -27.90 -7.31
C VAL A 151 -10.68 -26.88 -6.58
N LYS A 152 -10.90 -25.73 -7.19
CA LYS A 152 -11.77 -24.75 -6.57
C LYS A 152 -12.95 -24.46 -7.46
N ILE A 153 -14.13 -24.88 -7.01
CA ILE A 153 -15.35 -24.69 -7.76
C ILE A 153 -15.93 -23.32 -7.46
N GLY A 154 -16.53 -22.70 -8.47
CA GLY A 154 -17.27 -21.45 -8.29
C GLY A 154 -17.93 -21.04 -9.59
N ASP A 155 -18.66 -19.93 -9.59
CA ASP A 155 -19.18 -19.43 -10.84
C ASP A 155 -18.33 -18.23 -11.32
N PHE A 156 -17.52 -18.46 -12.35
CA PHE A 156 -16.62 -17.43 -12.85
C PHE A 156 -17.33 -16.66 -13.94
N GLY A 157 -18.53 -17.12 -14.26
CA GLY A 157 -19.33 -16.48 -15.30
C GLY A 157 -19.74 -15.09 -14.90
N LEU A 158 -19.36 -14.12 -15.74
CA LEU A 158 -19.65 -12.71 -15.51
C LEU A 158 -20.85 -12.17 -16.32
N ALA A 159 -21.47 -13.03 -17.13
CA ALA A 159 -22.59 -12.62 -17.99
C ALA A 159 -24.00 -12.78 -17.37
N THR A 160 -24.13 -13.48 -16.24
CA THR A 160 -25.45 -13.77 -15.67
C THR A 160 -25.72 -13.08 -14.33
N SER A 177 -22.78 -23.24 -19.92
CA SER A 177 -23.26 -22.97 -21.28
C SER A 177 -23.95 -24.20 -21.87
N ILE A 178 -24.05 -24.23 -23.19
CA ILE A 178 -24.85 -25.23 -23.88
C ILE A 178 -24.34 -26.67 -23.75
N LEU A 179 -23.05 -26.88 -23.95
CA LEU A 179 -22.49 -28.23 -23.98
C LEU A 179 -22.84 -29.01 -22.73
N TRP A 180 -22.89 -28.30 -21.61
CA TRP A 180 -23.15 -28.95 -20.31
C TRP A 180 -24.61 -28.98 -19.90
N MET A 181 -25.45 -28.24 -20.62
CA MET A 181 -26.87 -28.25 -20.30
C MET A 181 -27.47 -29.64 -20.47
N ALA A 182 -28.10 -30.16 -19.43
CA ALA A 182 -28.84 -31.39 -19.55
C ALA A 182 -30.05 -31.09 -20.40
N PRO A 183 -30.54 -32.12 -21.11
CA PRO A 183 -31.66 -31.93 -22.03
C PRO A 183 -32.87 -31.25 -21.41
N GLU A 184 -33.34 -31.71 -20.26
CA GLU A 184 -34.56 -31.15 -19.69
C GLU A 184 -34.36 -29.68 -19.43
N VAL A 185 -33.09 -29.28 -19.37
CA VAL A 185 -32.71 -27.87 -19.20
C VAL A 185 -32.82 -27.12 -20.52
N ILE A 186 -32.28 -27.71 -21.59
CA ILE A 186 -32.35 -27.12 -22.92
C ILE A 186 -33.79 -26.89 -23.37
N ARG A 187 -34.62 -27.92 -23.19
CA ARG A 187 -36.05 -27.76 -23.30
C ARG A 187 -36.51 -26.97 -22.07
N MET A 188 -37.29 -25.91 -22.30
CA MET A 188 -37.68 -25.04 -21.20
C MET A 188 -38.52 -25.77 -20.15
N GLN A 189 -39.16 -26.86 -20.57
CA GLN A 189 -39.96 -27.67 -19.65
C GLN A 189 -40.90 -26.85 -18.76
N ASP A 190 -40.86 -27.16 -17.46
CA ASP A 190 -41.72 -26.52 -16.48
C ASP A 190 -41.07 -25.27 -15.90
N SER A 191 -39.95 -24.85 -16.47
CA SER A 191 -39.31 -23.62 -16.04
C SER A 191 -38.70 -23.76 -14.65
N ASN A 192 -38.79 -24.96 -14.09
CA ASN A 192 -38.06 -25.26 -12.86
C ASN A 192 -37.16 -26.42 -13.22
N PRO A 193 -36.36 -26.22 -14.28
CA PRO A 193 -35.57 -27.23 -14.99
C PRO A 193 -34.34 -27.66 -14.21
N TYR A 194 -33.83 -26.74 -13.39
CA TYR A 194 -32.59 -26.98 -12.64
C TYR A 194 -32.84 -27.76 -11.37
N SER A 195 -31.98 -28.73 -11.11
CA SER A 195 -32.10 -29.62 -9.96
C SER A 195 -30.73 -30.22 -9.68
N PHE A 196 -30.58 -30.87 -8.54
CA PHE A 196 -29.35 -31.58 -8.29
C PHE A 196 -29.02 -32.46 -9.48
N GLN A 197 -30.07 -32.86 -10.19
CA GLN A 197 -30.00 -33.77 -11.34
C GLN A 197 -29.29 -33.18 -12.56
N SER A 198 -29.78 -32.02 -13.00
CA SER A 198 -29.12 -31.27 -14.05
C SER A 198 -27.64 -31.15 -13.66
N ASP A 199 -27.39 -30.90 -12.38
CA ASP A 199 -26.02 -30.76 -11.90
C ASP A 199 -25.24 -32.06 -12.09
N VAL A 200 -25.86 -33.17 -11.73
CA VAL A 200 -25.27 -34.48 -12.01
C VAL A 200 -24.88 -34.56 -13.49
N TYR A 201 -25.77 -34.12 -14.36
CA TYR A 201 -25.52 -34.20 -15.79
C TYR A 201 -24.37 -33.33 -16.24
N ALA A 202 -24.31 -32.09 -15.75
CA ALA A 202 -23.20 -31.20 -16.08
C ALA A 202 -21.93 -31.85 -15.58
N PHE A 203 -22.01 -32.40 -14.38
CA PHE A 203 -20.89 -33.17 -13.86
C PHE A 203 -20.51 -34.23 -14.90
N GLY A 204 -21.47 -35.07 -15.30
CA GLY A 204 -21.20 -36.08 -16.30
C GLY A 204 -20.39 -35.61 -17.51
N ILE A 205 -20.69 -34.42 -18.05
CA ILE A 205 -19.92 -33.91 -19.19
C ILE A 205 -18.47 -33.63 -18.78
N VAL A 206 -18.30 -33.07 -17.57
CA VAL A 206 -16.97 -32.74 -17.10
C VAL A 206 -16.11 -34.01 -17.14
N LEU A 207 -16.72 -35.13 -16.82
CA LEU A 207 -16.03 -36.41 -16.85
C LEU A 207 -15.75 -36.74 -18.31
N TYR A 208 -16.76 -36.53 -19.16
CA TYR A 208 -16.52 -36.78 -20.57
C TYR A 208 -15.30 -35.97 -20.99
N GLU A 209 -15.24 -34.72 -20.54
CA GLU A 209 -14.12 -33.85 -20.83
C GLU A 209 -12.79 -34.42 -20.30
N LEU A 210 -12.80 -34.91 -19.06
CA LEU A 210 -11.59 -35.40 -18.42
C LEU A 210 -11.09 -36.68 -19.09
N MET A 211 -11.98 -37.64 -19.32
CA MET A 211 -11.58 -38.93 -19.83
C MET A 211 -11.23 -38.92 -21.31
N THR A 212 -12.04 -38.28 -22.14
CA THR A 212 -11.70 -38.12 -23.56
C THR A 212 -10.58 -37.08 -23.75
N GLY A 213 -10.70 -35.97 -23.06
CA GLY A 213 -9.78 -34.86 -23.25
C GLY A 213 -10.32 -33.91 -24.30
N GLN A 214 -11.49 -34.24 -24.84
CA GLN A 214 -12.14 -33.37 -25.81
C GLN A 214 -13.52 -32.94 -25.32
N LEU A 215 -13.98 -31.79 -25.79
CA LEU A 215 -15.35 -31.36 -25.58
C LEU A 215 -16.23 -32.26 -26.45
N PRO A 216 -17.51 -32.38 -26.07
CA PRO A 216 -18.45 -33.21 -26.84
C PRO A 216 -18.79 -32.57 -28.19
N TYR A 217 -19.40 -33.36 -29.08
CA TYR A 217 -19.90 -32.84 -30.34
C TYR A 217 -18.81 -32.14 -31.14
N SER A 218 -17.62 -32.73 -31.09
CA SER A 218 -16.40 -32.13 -31.65
C SER A 218 -16.50 -31.90 -33.15
N ASN A 219 -16.94 -32.91 -33.89
CA ASN A 219 -16.98 -32.84 -35.35
C ASN A 219 -18.24 -32.13 -35.84
N ILE A 220 -19.03 -31.63 -34.88
CA ILE A 220 -20.27 -30.93 -35.18
C ILE A 220 -20.03 -29.44 -35.11
N ASN A 221 -20.01 -28.78 -36.26
CA ASN A 221 -19.70 -27.37 -36.26
C ASN A 221 -20.87 -26.47 -35.90
N ASN A 222 -21.95 -26.45 -36.69
CA ASN A 222 -23.06 -25.56 -36.35
C ASN A 222 -23.49 -25.80 -34.90
N ARG A 223 -23.43 -24.75 -34.10
CA ARG A 223 -23.70 -24.87 -32.67
C ARG A 223 -25.19 -24.92 -32.45
N ASP A 224 -25.94 -24.60 -33.50
CA ASP A 224 -27.39 -24.62 -33.41
C ASP A 224 -27.88 -26.05 -33.51
N GLN A 225 -27.13 -26.87 -34.23
CA GLN A 225 -27.50 -28.27 -34.38
C GLN A 225 -27.62 -28.92 -33.00
N ILE A 226 -26.55 -28.82 -32.22
CA ILE A 226 -26.49 -29.46 -30.90
C ILE A 226 -27.70 -29.11 -30.05
N ILE A 227 -28.13 -27.86 -30.10
CA ILE A 227 -29.22 -27.43 -29.23
C ILE A 227 -30.50 -28.22 -29.48
N GLU A 228 -30.93 -28.31 -30.73
CA GLU A 228 -32.11 -29.11 -31.03
C GLU A 228 -31.79 -30.61 -30.87
N MET A 229 -30.73 -31.07 -31.51
CA MET A 229 -30.42 -32.50 -31.53
C MET A 229 -30.27 -33.13 -30.14
N VAL A 230 -29.69 -32.39 -29.19
CA VAL A 230 -29.44 -32.93 -27.86
C VAL A 230 -30.70 -33.02 -27.02
N GLY A 231 -31.54 -32.00 -27.12
CA GLY A 231 -32.77 -31.94 -26.34
C GLY A 231 -33.83 -32.89 -26.87
N ARG A 232 -33.89 -33.04 -28.19
CA ARG A 232 -34.86 -33.94 -28.79
C ARG A 232 -34.55 -35.36 -28.33
N GLY A 233 -33.27 -35.61 -28.05
CA GLY A 233 -32.81 -36.93 -27.64
C GLY A 233 -31.96 -37.64 -28.68
N SER A 234 -31.87 -37.06 -29.89
CA SER A 234 -31.10 -37.68 -30.95
C SER A 234 -29.61 -37.77 -30.66
N LEU A 235 -29.12 -36.93 -29.75
CA LEU A 235 -27.69 -36.80 -29.59
C LEU A 235 -27.24 -36.89 -28.13
N SER A 236 -26.19 -37.68 -27.92
CA SER A 236 -25.43 -37.66 -26.67
C SER A 236 -23.95 -37.96 -26.95
N PRO A 237 -23.06 -37.58 -26.01
CA PRO A 237 -21.62 -37.69 -26.24
C PRO A 237 -21.22 -39.07 -26.76
N ASP A 238 -20.32 -39.07 -27.73
CA ASP A 238 -19.94 -40.30 -28.35
C ASP A 238 -18.79 -40.81 -27.51
N LEU A 239 -19.08 -41.86 -26.74
CA LEU A 239 -18.17 -42.30 -25.68
C LEU A 239 -17.01 -43.14 -26.19
N SER A 240 -17.06 -43.56 -27.44
CA SER A 240 -15.92 -44.27 -28.01
C SER A 240 -14.71 -43.36 -27.82
N LYS A 241 -14.98 -42.06 -27.72
CA LYS A 241 -13.93 -41.07 -27.63
C LYS A 241 -13.15 -41.15 -26.34
N VAL A 242 -13.80 -41.58 -25.26
CA VAL A 242 -13.06 -41.70 -24.00
C VAL A 242 -11.84 -42.53 -24.27
N ARG A 243 -10.71 -42.12 -23.71
CA ARG A 243 -9.45 -42.70 -24.10
C ARG A 243 -9.42 -44.12 -23.59
N SER A 244 -8.35 -44.83 -23.94
CA SER A 244 -8.22 -46.25 -23.63
C SER A 244 -8.10 -46.53 -22.14
N ASN A 245 -7.36 -45.65 -21.44
CA ASN A 245 -6.96 -45.89 -20.06
C ASN A 245 -8.10 -45.80 -19.04
N CYS A 246 -9.14 -45.04 -19.36
CA CYS A 246 -10.22 -44.79 -18.40
C CYS A 246 -10.81 -46.09 -17.85
N PRO A 247 -10.75 -46.27 -16.53
CA PRO A 247 -11.29 -47.49 -15.90
C PRO A 247 -12.74 -47.71 -16.30
N LYS A 248 -13.12 -48.97 -16.44
CA LYS A 248 -14.51 -49.32 -16.74
C LYS A 248 -15.47 -48.67 -15.75
N ARG A 249 -15.23 -48.88 -14.46
CA ARG A 249 -16.10 -48.32 -13.42
C ARG A 249 -16.37 -46.84 -13.71
N MET A 250 -15.35 -46.14 -14.18
CA MET A 250 -15.42 -44.72 -14.50
C MET A 250 -16.34 -44.40 -15.68
N LYS A 251 -16.05 -45.04 -16.82
CA LYS A 251 -16.84 -44.85 -18.02
C LYS A 251 -18.31 -45.16 -17.77
N ARG A 252 -18.54 -46.18 -16.96
CA ARG A 252 -19.90 -46.49 -16.50
C ARG A 252 -20.50 -45.26 -15.82
N LEU A 253 -19.87 -44.88 -14.71
CA LEU A 253 -20.32 -43.77 -13.88
C LEU A 253 -20.61 -42.55 -14.74
N MET A 254 -19.71 -42.28 -15.69
CA MET A 254 -19.95 -41.22 -16.63
C MET A 254 -21.32 -41.45 -17.26
N ALA A 255 -21.42 -42.55 -18.01
CA ALA A 255 -22.63 -42.85 -18.75
C ALA A 255 -23.83 -42.69 -17.83
N GLU A 256 -23.62 -42.99 -16.56
CA GLU A 256 -24.63 -42.86 -15.55
C GLU A 256 -25.20 -41.45 -15.40
N CYS A 257 -24.33 -40.46 -15.25
CA CYS A 257 -24.75 -39.08 -15.05
C CYS A 257 -25.41 -38.55 -16.31
N LEU A 258 -24.87 -39.00 -17.45
CA LEU A 258 -25.34 -38.57 -18.75
C LEU A 258 -26.69 -39.20 -19.09
N LYS A 259 -27.18 -40.08 -18.22
CA LYS A 259 -28.47 -40.70 -18.45
C LYS A 259 -29.52 -39.63 -18.64
N LYS A 260 -30.21 -39.69 -19.78
CA LYS A 260 -31.07 -38.61 -20.25
C LYS A 260 -32.14 -38.22 -19.25
N LYS A 261 -32.76 -39.20 -18.61
CA LYS A 261 -33.87 -38.93 -17.71
C LYS A 261 -33.40 -38.58 -16.28
N ARG A 262 -33.89 -37.46 -15.74
CA ARG A 262 -33.40 -36.93 -14.46
C ARG A 262 -33.26 -38.02 -13.41
N ASP A 263 -34.31 -38.81 -13.22
CA ASP A 263 -34.32 -39.87 -12.22
C ASP A 263 -33.43 -41.03 -12.59
N GLU A 264 -32.89 -40.98 -13.81
CA GLU A 264 -31.94 -41.98 -14.24
C GLU A 264 -30.56 -41.67 -13.68
N ARG A 265 -30.37 -40.46 -13.19
CA ARG A 265 -29.05 -40.02 -12.78
C ARG A 265 -28.73 -40.34 -11.32
N PRO A 266 -27.49 -40.77 -11.05
CA PRO A 266 -27.04 -40.94 -9.67
C PRO A 266 -26.99 -39.60 -8.90
N SER A 267 -27.00 -39.71 -7.58
CA SER A 267 -26.84 -38.55 -6.73
C SER A 267 -25.41 -38.49 -6.25
N PHE A 268 -24.91 -37.29 -6.03
CA PHE A 268 -23.49 -37.11 -5.76
C PHE A 268 -22.88 -37.96 -4.63
N PRO A 269 -23.65 -38.21 -3.56
CA PRO A 269 -23.09 -39.15 -2.59
C PRO A 269 -22.75 -40.48 -3.27
N ARG A 270 -23.63 -40.99 -4.14
CA ARG A 270 -23.38 -42.24 -4.86
C ARG A 270 -22.14 -42.10 -5.70
N ILE A 271 -21.97 -40.89 -6.25
CA ILE A 271 -20.92 -40.61 -7.22
C ILE A 271 -19.55 -40.53 -6.57
N LEU A 272 -19.43 -39.70 -5.53
CA LEU A 272 -18.18 -39.57 -4.83
C LEU A 272 -17.76 -40.94 -4.34
N ALA A 273 -18.69 -41.60 -3.66
CA ALA A 273 -18.46 -42.94 -3.13
C ALA A 273 -17.86 -43.84 -4.21
N GLU A 274 -18.55 -43.94 -5.34
CA GLU A 274 -17.96 -44.63 -6.47
C GLU A 274 -16.54 -44.10 -6.63
N ILE A 275 -16.41 -42.82 -7.02
CA ILE A 275 -15.13 -42.25 -7.46
C ILE A 275 -13.95 -42.47 -6.50
N GLU A 276 -14.24 -42.49 -5.20
CA GLU A 276 -13.23 -42.78 -4.20
C GLU A 276 -12.78 -44.21 -4.32
N GLU A 277 -13.72 -45.08 -4.68
CA GLU A 277 -13.43 -46.51 -4.84
C GLU A 277 -12.57 -46.80 -6.07
N LEU A 278 -12.76 -46.04 -7.14
CA LEU A 278 -11.97 -46.21 -8.37
C LEU A 278 -10.50 -45.90 -8.11
N ALA A 279 -10.28 -44.81 -7.36
CA ALA A 279 -8.94 -44.32 -7.07
C ALA A 279 -8.18 -45.27 -6.17
N ARG A 280 -8.86 -45.84 -5.18
CA ARG A 280 -8.20 -46.76 -4.24
C ARG A 280 -7.59 -47.91 -5.02
N GLU A 281 -8.24 -48.26 -6.13
CA GLU A 281 -7.76 -49.33 -6.99
C GLU A 281 -6.55 -48.91 -7.83
N LEU A 282 -6.64 -47.78 -8.52
CA LEU A 282 -5.54 -47.29 -9.36
C LEU A 282 -4.31 -46.92 -8.55
N SER A 283 -4.49 -46.89 -7.24
CA SER A 283 -3.49 -46.29 -6.34
C SER A 283 -2.06 -46.79 -6.58
N ASP B 9 -25.02 -18.86 6.09
CA ASP B 9 -24.68 -18.81 7.51
C ASP B 9 -25.46 -19.80 8.34
N ASP B 10 -25.28 -21.08 8.06
CA ASP B 10 -25.67 -22.13 8.99
C ASP B 10 -24.53 -23.13 8.98
N TRP B 11 -23.91 -23.36 10.13
CA TRP B 11 -22.86 -24.37 10.22
C TRP B 11 -23.14 -25.70 10.90
N GLU B 12 -24.31 -25.88 11.49
CA GLU B 12 -24.52 -27.14 12.18
C GLU B 12 -24.62 -28.28 11.19
N ILE B 13 -23.96 -29.38 11.53
CA ILE B 13 -23.94 -30.56 10.70
C ILE B 13 -24.96 -31.56 11.22
N PRO B 14 -25.80 -32.08 10.30
CA PRO B 14 -26.78 -33.15 10.55
C PRO B 14 -26.22 -34.38 11.25
N ASP B 15 -27.11 -35.05 12.00
CA ASP B 15 -26.74 -36.18 12.83
C ASP B 15 -25.95 -37.28 12.10
N GLY B 16 -24.82 -37.67 12.69
CA GLY B 16 -24.06 -38.82 12.25
C GLY B 16 -23.65 -38.88 10.79
N GLN B 17 -23.61 -37.73 10.10
CA GLN B 17 -23.11 -37.68 8.73
C GLN B 17 -21.60 -37.82 8.71
N ILE B 18 -21.00 -37.62 9.87
CA ILE B 18 -19.56 -37.56 9.98
C ILE B 18 -19.00 -38.91 10.33
N THR B 19 -17.95 -39.30 9.64
CA THR B 19 -17.25 -40.52 9.97
C THR B 19 -15.90 -40.17 10.54
N VAL B 20 -15.53 -40.86 11.61
CA VAL B 20 -14.33 -40.55 12.38
C VAL B 20 -13.27 -41.60 12.23
N GLY B 21 -12.10 -41.20 11.77
CA GLY B 21 -11.03 -42.14 11.49
C GLY B 21 -10.06 -42.28 12.64
N GLN B 22 -8.81 -42.53 12.32
CA GLN B 22 -7.79 -42.71 13.34
C GLN B 22 -7.71 -41.55 14.30
N ARG B 23 -7.41 -41.87 15.56
CA ARG B 23 -7.14 -40.87 16.60
C ARG B 23 -5.85 -40.18 16.27
N ILE B 24 -5.89 -38.86 16.28
CA ILE B 24 -4.71 -38.06 15.98
C ILE B 24 -4.02 -37.60 17.26
N GLY B 25 -4.75 -36.85 18.07
CA GLY B 25 -4.26 -36.45 19.37
C GLY B 25 -5.43 -36.22 20.30
N SER B 26 -5.14 -36.14 21.60
CA SER B 26 -6.17 -35.89 22.61
C SER B 26 -5.63 -35.01 23.74
N GLY B 27 -6.43 -34.06 24.17
CA GLY B 27 -6.07 -33.20 25.28
C GLY B 27 -6.81 -33.26 26.60
N SER B 28 -7.86 -34.06 26.69
CA SER B 28 -8.69 -34.07 27.90
C SER B 28 -9.53 -32.80 27.97
N PHE B 29 -9.27 -31.87 27.07
CA PHE B 29 -10.30 -30.93 26.59
C PHE B 29 -10.86 -31.18 25.19
N GLY B 30 -10.37 -32.25 24.56
CA GLY B 30 -10.82 -32.63 23.24
C GLY B 30 -9.99 -33.79 22.74
N THR B 31 -10.47 -34.43 21.67
CA THR B 31 -9.70 -35.48 21.03
C THR B 31 -9.89 -35.27 19.54
N VAL B 32 -8.80 -35.40 18.78
CA VAL B 32 -8.88 -35.12 17.35
C VAL B 32 -8.69 -36.40 16.54
N TYR B 33 -9.63 -36.63 15.62
CA TYR B 33 -9.60 -37.79 14.75
C TYR B 33 -9.56 -37.33 13.30
N LYS B 34 -8.93 -38.11 12.43
CA LYS B 34 -9.05 -37.86 11.01
C LYS B 34 -10.43 -38.32 10.56
N GLY B 35 -11.21 -37.40 10.00
CA GLY B 35 -12.57 -37.72 9.67
C GLY B 35 -12.83 -37.88 8.18
N LYS B 36 -14.07 -38.15 7.84
CA LYS B 36 -14.53 -38.06 6.47
C LYS B 36 -15.87 -37.35 6.45
N TRP B 37 -15.89 -36.16 5.90
CA TRP B 37 -17.14 -35.53 5.59
C TRP B 37 -16.97 -34.81 4.25
N HIS B 38 -17.78 -35.17 3.25
CA HIS B 38 -17.59 -34.63 1.91
C HIS B 38 -16.10 -34.56 1.70
N GLY B 39 -15.44 -35.70 1.73
CA GLY B 39 -14.00 -35.76 1.73
C GLY B 39 -13.40 -35.71 3.12
N ASP B 40 -12.09 -35.52 3.16
CA ASP B 40 -11.31 -35.54 4.38
C ASP B 40 -11.53 -34.29 5.24
N VAL B 41 -11.47 -34.48 6.56
CA VAL B 41 -11.70 -33.43 7.54
C VAL B 41 -10.99 -33.81 8.83
N ALA B 42 -10.87 -32.85 9.76
CA ALA B 42 -10.40 -33.15 11.11
C ALA B 42 -11.49 -32.84 12.10
N VAL B 43 -11.73 -33.76 13.03
CA VAL B 43 -12.79 -33.59 14.01
C VAL B 43 -12.24 -33.52 15.43
N LYS B 44 -12.68 -32.53 16.18
CA LYS B 44 -12.36 -32.43 17.59
C LYS B 44 -13.66 -32.56 18.34
N MET B 45 -13.65 -33.39 19.38
CA MET B 45 -14.88 -33.68 20.11
C MET B 45 -14.62 -34.13 21.54
N LEU B 46 -15.67 -34.13 22.36
CA LEU B 46 -15.59 -34.62 23.74
C LEU B 46 -16.50 -35.85 23.98
N ASN B 47 -15.85 -36.99 24.15
CA ASN B 47 -16.48 -38.32 24.16
C ASN B 47 -17.30 -38.73 25.40
N VAL B 48 -16.73 -38.50 26.57
CA VAL B 48 -16.99 -39.32 27.75
C VAL B 48 -18.41 -39.41 28.27
N THR B 49 -19.06 -38.27 28.42
CA THR B 49 -20.39 -38.24 29.02
C THR B 49 -21.01 -36.97 28.51
N ALA B 50 -22.33 -36.86 28.62
CA ALA B 50 -22.95 -35.65 28.12
C ALA B 50 -22.11 -34.54 28.72
N PRO B 51 -21.85 -33.50 27.93
CA PRO B 51 -20.70 -32.63 28.17
C PRO B 51 -20.83 -31.90 29.51
N THR B 52 -19.69 -31.80 30.20
CA THR B 52 -19.61 -31.05 31.44
C THR B 52 -19.76 -29.56 31.12
N PRO B 53 -20.18 -28.76 32.12
CA PRO B 53 -20.47 -27.34 31.91
C PRO B 53 -19.24 -26.60 31.37
N GLN B 54 -18.06 -27.03 31.79
CA GLN B 54 -16.83 -26.47 31.28
C GLN B 54 -16.64 -26.85 29.82
N GLN B 55 -17.00 -28.09 29.50
CA GLN B 55 -16.91 -28.55 28.12
C GLN B 55 -17.81 -27.74 27.19
N LEU B 56 -19.03 -27.45 27.61
CA LEU B 56 -19.94 -26.62 26.81
C LEU B 56 -19.38 -25.20 26.69
N GLN B 57 -18.31 -24.92 27.41
CA GLN B 57 -17.64 -23.64 27.19
C GLN B 57 -16.63 -23.71 26.06
N ALA B 58 -15.62 -24.57 26.20
CA ALA B 58 -14.59 -24.69 25.18
C ALA B 58 -15.21 -24.83 23.80
N PHE B 59 -16.43 -25.37 23.75
CA PHE B 59 -17.19 -25.51 22.51
C PHE B 59 -17.76 -24.16 22.09
N LYS B 60 -18.70 -23.64 22.87
CA LYS B 60 -19.30 -22.33 22.59
C LYS B 60 -18.20 -21.31 22.32
N ASN B 61 -17.10 -21.43 23.07
CA ASN B 61 -15.99 -20.53 22.90
C ASN B 61 -15.28 -20.68 21.56
N GLU B 62 -15.04 -21.91 21.15
CA GLU B 62 -14.25 -22.12 19.92
C GLU B 62 -15.04 -21.92 18.63
N VAL B 63 -16.31 -22.33 18.65
CA VAL B 63 -17.16 -22.15 17.49
C VAL B 63 -17.37 -20.64 17.29
N GLY B 64 -17.51 -19.93 18.39
CA GLY B 64 -17.63 -18.48 18.34
C GLY B 64 -16.58 -17.75 17.49
N VAL B 65 -15.29 -18.02 17.76
CA VAL B 65 -14.20 -17.43 16.97
C VAL B 65 -13.98 -18.05 15.60
N LEU B 66 -13.84 -19.36 15.59
CA LEU B 66 -13.62 -20.04 14.32
C LEU B 66 -14.69 -19.66 13.29
N ARG B 67 -15.91 -19.43 13.75
CA ARG B 67 -16.99 -19.05 12.84
C ARG B 67 -16.74 -17.66 12.26
N LYS B 68 -15.86 -16.89 12.90
CA LYS B 68 -15.59 -15.53 12.45
C LYS B 68 -14.44 -15.42 11.45
N THR B 69 -13.89 -16.55 11.03
CA THR B 69 -12.68 -16.54 10.18
C THR B 69 -12.82 -17.23 8.82
N ARG B 70 -12.64 -16.47 7.75
CA ARG B 70 -12.36 -17.05 6.45
C ARG B 70 -11.12 -16.36 5.91
N HIS B 71 -9.98 -17.05 5.92
CA HIS B 71 -8.74 -16.54 5.36
C HIS B 71 -7.84 -17.72 4.97
N VAL B 72 -7.16 -17.62 3.84
CA VAL B 72 -6.35 -18.75 3.38
C VAL B 72 -5.30 -19.20 4.41
N ASN B 73 -4.75 -18.26 5.15
CA ASN B 73 -3.72 -18.57 6.13
C ASN B 73 -4.31 -18.94 7.50
N ILE B 74 -5.63 -18.93 7.63
CA ILE B 74 -6.27 -19.49 8.82
C ILE B 74 -6.84 -20.86 8.50
N LEU B 75 -6.59 -21.82 9.40
CA LEU B 75 -7.09 -23.18 9.24
C LEU B 75 -8.63 -23.16 9.05
N LEU B 76 -9.10 -23.82 7.99
CA LEU B 76 -10.48 -23.64 7.58
C LEU B 76 -11.47 -24.31 8.53
N PHE B 77 -12.34 -23.51 9.13
CA PHE B 77 -13.37 -24.03 9.97
C PHE B 77 -14.50 -24.44 9.06
N MET B 78 -14.92 -25.68 9.18
CA MET B 78 -15.95 -26.23 8.31
C MET B 78 -17.34 -26.22 8.93
N GLY B 79 -17.51 -26.91 10.06
CA GLY B 79 -18.77 -26.87 10.77
C GLY B 79 -18.66 -27.45 12.18
N TYR B 80 -19.80 -27.54 12.87
CA TYR B 80 -19.88 -28.13 14.20
C TYR B 80 -21.07 -29.07 14.29
N SER B 81 -21.07 -29.93 15.30
CA SER B 81 -22.20 -30.83 15.53
C SER B 81 -22.40 -31.01 17.04
N THR B 82 -23.60 -31.44 17.44
CA THR B 82 -23.94 -31.51 18.86
C THR B 82 -24.30 -32.90 19.43
N LYS B 83 -25.33 -33.51 18.87
CA LYS B 83 -26.07 -34.58 19.57
C LYS B 83 -25.31 -35.79 20.16
N PRO B 84 -24.63 -36.59 19.31
CA PRO B 84 -23.93 -37.76 19.88
C PRO B 84 -22.77 -37.36 20.81
N GLN B 85 -21.98 -36.38 20.36
CA GLN B 85 -20.87 -35.82 21.11
C GLN B 85 -20.71 -34.43 20.54
N LEU B 86 -20.08 -33.52 21.29
CA LEU B 86 -19.81 -32.20 20.75
C LEU B 86 -18.56 -32.26 19.91
N ALA B 87 -18.69 -31.92 18.63
CA ALA B 87 -17.58 -32.02 17.68
C ALA B 87 -17.37 -30.72 16.96
N ILE B 88 -16.16 -30.52 16.42
CA ILE B 88 -15.85 -29.35 15.61
C ILE B 88 -15.01 -29.80 14.41
N VAL B 89 -15.40 -29.35 13.22
CA VAL B 89 -14.80 -29.83 11.97
C VAL B 89 -13.98 -28.76 11.24
N THR B 90 -12.74 -29.10 10.91
CA THR B 90 -11.95 -28.25 10.05
C THR B 90 -11.34 -29.08 8.94
N GLN B 91 -10.86 -28.41 7.91
CA GLN B 91 -10.25 -29.10 6.78
C GLN B 91 -9.12 -29.98 7.26
N TRP B 92 -8.88 -31.05 6.53
CA TRP B 92 -7.71 -31.88 6.78
C TRP B 92 -6.57 -31.37 5.91
N CYS B 93 -5.43 -31.09 6.52
CA CYS B 93 -4.25 -30.67 5.76
C CYS B 93 -3.11 -31.64 5.98
N GLU B 94 -2.41 -31.98 4.91
CA GLU B 94 -1.21 -32.80 5.08
C GLU B 94 -0.01 -31.89 5.22
N GLY B 95 0.87 -32.24 6.14
CA GLY B 95 2.05 -31.44 6.44
C GLY B 95 2.33 -31.61 7.92
N SER B 96 3.16 -30.73 8.46
CA SER B 96 3.42 -30.74 9.90
C SER B 96 3.76 -29.33 10.35
N SER B 97 3.72 -29.13 11.67
CA SER B 97 3.91 -27.79 12.24
C SER B 97 5.29 -27.21 11.91
N LEU B 98 5.37 -25.89 12.02
CA LEU B 98 6.63 -25.16 11.95
C LEU B 98 7.58 -25.68 13.01
N TYR B 99 7.08 -25.76 14.24
CA TYR B 99 7.85 -26.31 15.35
C TYR B 99 8.45 -27.65 14.92
N HIS B 100 7.63 -28.53 14.35
CA HIS B 100 8.13 -29.80 13.91
C HIS B 100 9.30 -29.59 13.00
N HIS B 101 9.05 -28.98 11.85
CA HIS B 101 10.10 -28.80 10.86
C HIS B 101 11.36 -28.22 11.49
N LEU B 102 11.19 -27.10 12.19
CA LEU B 102 12.33 -26.40 12.76
C LEU B 102 13.14 -27.28 13.70
N HIS B 103 12.53 -27.65 14.81
CA HIS B 103 13.22 -28.44 15.83
C HIS B 103 13.02 -29.96 15.80
N ALA B 104 12.05 -30.43 15.04
CA ALA B 104 11.69 -31.85 15.02
C ALA B 104 12.33 -32.64 13.88
N SER B 105 13.25 -32.01 13.17
CA SER B 105 13.85 -32.66 12.01
C SER B 105 14.95 -31.76 11.49
N GLU B 106 15.69 -32.23 10.50
CA GLU B 106 16.71 -31.37 9.93
C GLU B 106 15.96 -30.27 9.17
N THR B 107 15.30 -30.62 8.07
CA THR B 107 14.36 -29.69 7.41
C THR B 107 14.86 -28.24 7.37
N LYS B 108 15.89 -28.01 6.56
CA LYS B 108 16.47 -26.68 6.43
C LYS B 108 15.85 -25.93 5.25
N PHE B 109 15.09 -24.89 5.55
CA PHE B 109 14.42 -24.09 4.53
C PHE B 109 15.33 -23.05 3.91
N GLU B 110 15.16 -22.81 2.62
CA GLU B 110 15.82 -21.70 1.96
C GLU B 110 15.34 -20.39 2.59
N MET B 111 16.22 -19.39 2.59
CA MET B 111 15.88 -18.08 3.14
C MET B 111 14.60 -17.55 2.48
N LYS B 112 14.39 -17.89 1.22
CA LYS B 112 13.17 -17.54 0.53
C LYS B 112 11.96 -18.06 1.31
N LYS B 113 11.85 -19.39 1.42
CA LYS B 113 10.72 -20.01 2.09
C LYS B 113 10.53 -19.42 3.49
N LEU B 114 11.62 -19.36 4.24
CA LEU B 114 11.61 -18.76 5.58
C LEU B 114 10.90 -17.40 5.61
N ILE B 115 11.29 -16.53 4.70
CA ILE B 115 10.67 -15.22 4.62
C ILE B 115 9.20 -15.38 4.32
N ASP B 116 8.92 -16.16 3.29
CA ASP B 116 7.57 -16.37 2.83
C ASP B 116 6.72 -16.96 3.95
N ILE B 117 7.29 -17.95 4.66
CA ILE B 117 6.60 -18.52 5.81
C ILE B 117 6.19 -17.37 6.74
N ALA B 118 7.17 -16.54 7.06
CA ALA B 118 6.96 -15.36 7.88
C ALA B 118 5.85 -14.50 7.32
N ARG B 119 5.97 -14.24 6.01
CA ARG B 119 4.99 -13.45 5.28
C ARG B 119 3.58 -13.96 5.52
N GLN B 120 3.33 -15.20 5.09
CA GLN B 120 2.02 -15.78 5.23
C GLN B 120 1.49 -15.58 6.65
N THR B 121 2.32 -15.94 7.64
CA THR B 121 1.92 -15.82 9.04
C THR B 121 1.50 -14.43 9.43
N ALA B 122 2.23 -13.44 8.94
CA ALA B 122 1.88 -12.04 9.19
C ALA B 122 0.51 -11.74 8.58
N ARG B 123 0.33 -12.20 7.34
CA ARG B 123 -0.95 -12.08 6.66
C ARG B 123 -2.06 -12.62 7.55
N GLY B 124 -1.88 -13.86 7.99
CA GLY B 124 -2.87 -14.49 8.84
C GLY B 124 -3.15 -13.69 10.09
N MET B 125 -2.09 -13.39 10.84
CA MET B 125 -2.20 -12.69 12.13
C MET B 125 -2.85 -11.31 12.02
N ASP B 126 -2.49 -10.60 10.94
CA ASP B 126 -3.08 -9.31 10.64
C ASP B 126 -4.58 -9.47 10.37
N TYR B 127 -4.95 -10.50 9.59
CA TYR B 127 -6.35 -10.79 9.36
C TYR B 127 -7.04 -10.91 10.72
N LEU B 128 -6.44 -11.72 11.59
CA LEU B 128 -7.00 -11.98 12.91
C LEU B 128 -7.22 -10.71 13.68
N HIS B 129 -6.18 -9.90 13.79
CA HIS B 129 -6.28 -8.70 14.60
C HIS B 129 -7.34 -7.76 14.03
N ALA B 130 -7.37 -7.66 12.71
CA ALA B 130 -8.41 -6.91 12.02
C ALA B 130 -9.79 -7.31 12.50
N LYS B 131 -9.98 -8.60 12.74
CA LYS B 131 -11.28 -9.07 13.16
C LYS B 131 -11.42 -8.86 14.67
N SER B 132 -10.40 -8.25 15.26
CA SER B 132 -10.36 -8.07 16.71
C SER B 132 -10.42 -9.43 17.39
N ILE B 133 -9.40 -10.22 17.14
CA ILE B 133 -9.25 -11.51 17.75
C ILE B 133 -7.82 -11.61 18.20
N ILE B 134 -7.60 -12.03 19.42
CA ILE B 134 -6.27 -12.29 19.88
C ILE B 134 -6.10 -13.78 20.00
N HIS B 135 -5.03 -14.28 19.41
CA HIS B 135 -4.80 -15.69 19.40
C HIS B 135 -4.70 -16.08 20.85
N ARG B 136 -3.99 -15.27 21.61
CA ARG B 136 -3.91 -15.43 23.03
C ARG B 136 -2.86 -16.48 23.21
N ASP B 137 -2.48 -17.07 22.10
CA ASP B 137 -1.30 -17.92 22.08
C ASP B 137 -0.79 -18.07 20.67
N LEU B 138 0.52 -18.09 20.49
CA LEU B 138 1.10 -18.24 19.17
C LEU B 138 2.46 -18.92 19.34
N LYS B 139 2.74 -19.92 18.51
CA LYS B 139 4.00 -20.65 18.58
C LYS B 139 4.25 -21.36 17.30
N SER B 140 5.48 -21.81 17.10
CA SER B 140 5.80 -22.67 15.96
C SER B 140 4.82 -23.82 15.83
N ASN B 141 4.44 -24.38 16.98
CA ASN B 141 3.48 -25.48 17.03
C ASN B 141 2.15 -25.12 16.42
N ASN B 142 1.68 -23.91 16.70
CA ASN B 142 0.36 -23.54 16.26
C ASN B 142 0.33 -23.05 14.84
N ILE B 143 1.49 -23.12 14.20
CA ILE B 143 1.60 -22.84 12.78
C ILE B 143 1.80 -24.11 11.99
N PHE B 144 0.85 -24.38 11.10
CA PHE B 144 0.86 -25.58 10.29
C PHE B 144 1.53 -25.31 8.95
N LEU B 145 2.23 -26.31 8.41
CA LEU B 145 2.64 -26.20 7.01
C LEU B 145 1.92 -27.22 6.13
N HIS B 146 0.97 -26.70 5.35
CA HIS B 146 0.04 -27.45 4.50
C HIS B 146 0.64 -27.54 3.09
N GLU B 147 0.68 -28.74 2.52
CA GLU B 147 1.43 -28.98 1.28
C GLU B 147 2.92 -28.82 1.58
N ASP B 148 3.24 -28.50 2.83
CA ASP B 148 4.61 -28.14 3.25
C ASP B 148 4.94 -26.74 2.73
N ASN B 149 3.96 -26.18 2.04
CA ASN B 149 4.09 -24.92 1.35
C ASN B 149 3.45 -23.74 2.07
N THR B 150 2.14 -23.81 2.31
CA THR B 150 1.40 -22.67 2.88
C THR B 150 0.95 -22.81 4.33
N VAL B 151 0.90 -21.67 5.02
CA VAL B 151 0.77 -21.62 6.47
C VAL B 151 -0.66 -21.51 7.01
N LYS B 152 -1.07 -22.46 7.84
CA LYS B 152 -2.36 -22.41 8.51
C LYS B 152 -2.19 -22.22 10.01
N ILE B 153 -2.62 -21.07 10.50
CA ILE B 153 -2.58 -20.77 11.92
C ILE B 153 -3.85 -21.28 12.59
N GLY B 154 -3.70 -22.01 13.69
CA GLY B 154 -4.85 -22.42 14.48
C GLY B 154 -4.43 -22.58 15.93
N ASP B 155 -5.34 -22.97 16.83
CA ASP B 155 -4.89 -23.34 18.17
C ASP B 155 -5.01 -24.85 18.39
N PHE B 156 -3.86 -25.51 18.33
CA PHE B 156 -3.81 -26.95 18.34
C PHE B 156 -3.73 -27.47 19.76
N GLY B 157 -3.48 -26.58 20.70
CA GLY B 157 -3.39 -26.92 22.11
C GLY B 157 -4.72 -27.40 22.64
N LEU B 158 -4.66 -28.48 23.41
CA LEU B 158 -5.86 -29.09 23.98
C LEU B 158 -6.20 -28.84 25.46
N ALA B 159 -5.50 -27.95 26.17
CA ALA B 159 -6.02 -27.57 27.45
C ALA B 159 -6.06 -26.06 27.73
N THR B 160 -7.16 -25.42 27.40
CA THR B 160 -7.39 -24.01 27.74
C THR B 160 -8.65 -23.55 27.06
N VAL B 161 -9.25 -22.49 27.59
CA VAL B 161 -10.46 -21.97 26.97
C VAL B 161 -10.76 -20.47 27.06
N LYS B 162 -11.04 -20.06 28.28
CA LYS B 162 -12.20 -19.22 28.65
C LYS B 162 -12.37 -17.76 28.24
N SER B 163 -11.33 -16.94 28.37
CA SER B 163 -11.63 -15.51 28.39
C SER B 163 -12.26 -15.00 27.09
N SER B 177 2.44 -22.11 25.81
CA SER B 177 3.78 -22.22 26.39
C SER B 177 4.52 -20.88 26.46
N ILE B 178 5.20 -20.67 27.57
CA ILE B 178 6.13 -19.55 27.77
C ILE B 178 7.30 -19.76 26.86
N LEU B 179 8.07 -18.71 26.67
CA LEU B 179 9.12 -18.70 25.68
C LEU B 179 8.53 -18.15 24.41
N TRP B 180 7.21 -18.21 24.33
CA TRP B 180 6.46 -17.35 23.42
C TRP B 180 5.74 -16.29 24.20
N MET B 181 5.87 -16.34 25.51
CA MET B 181 5.09 -15.42 26.33
C MET B 181 5.84 -14.13 26.63
N ALA B 182 5.21 -13.01 26.26
CA ALA B 182 5.76 -11.72 26.57
C ALA B 182 5.73 -11.51 28.08
N PRO B 183 6.67 -10.70 28.60
CA PRO B 183 6.83 -10.48 30.03
C PRO B 183 5.55 -10.14 30.75
N GLU B 184 4.75 -9.21 30.23
CA GLU B 184 3.57 -8.73 30.94
C GLU B 184 2.56 -9.84 31.13
N VAL B 185 2.67 -10.84 30.26
CA VAL B 185 1.79 -12.01 30.34
C VAL B 185 2.23 -12.90 31.48
N ILE B 186 3.54 -13.16 31.53
CA ILE B 186 4.14 -13.99 32.57
C ILE B 186 3.78 -13.50 33.97
N ARG B 187 4.07 -12.24 34.26
CA ARG B 187 3.58 -11.65 35.49
C ARG B 187 2.07 -11.50 35.37
N MET B 188 1.34 -11.95 36.38
CA MET B 188 -0.09 -11.71 36.39
C MET B 188 -0.23 -10.24 36.07
N GLN B 189 0.59 -9.42 36.72
CA GLN B 189 0.55 -7.99 36.48
C GLN B 189 -0.92 -7.60 36.59
N ASP B 190 -1.41 -6.87 35.60
CA ASP B 190 -2.82 -6.58 35.54
C ASP B 190 -3.58 -7.85 35.19
N SER B 191 -4.85 -7.89 35.56
CA SER B 191 -5.77 -8.86 35.01
C SER B 191 -5.82 -8.62 33.50
N ASN B 192 -6.05 -9.67 32.72
CA ASN B 192 -6.03 -9.57 31.25
C ASN B 192 -4.80 -8.89 30.66
N PRO B 193 -3.64 -9.54 30.80
CA PRO B 193 -2.38 -9.16 30.16
C PRO B 193 -2.45 -9.26 28.64
N TYR B 194 -3.20 -10.22 28.10
CA TYR B 194 -3.22 -10.50 26.65
C TYR B 194 -3.83 -9.39 25.81
N SER B 195 -3.15 -9.06 24.71
CA SER B 195 -3.59 -8.03 23.79
C SER B 195 -2.87 -8.20 22.47
N PHE B 196 -3.21 -7.37 21.49
CA PHE B 196 -2.58 -7.45 20.18
C PHE B 196 -1.07 -7.41 20.34
N GLN B 197 -0.61 -6.67 21.35
CA GLN B 197 0.81 -6.45 21.53
C GLN B 197 1.49 -7.75 21.94
N SER B 198 0.91 -8.46 22.89
CA SER B 198 1.46 -9.75 23.26
C SER B 198 1.61 -10.59 22.00
N ASP B 199 0.51 -10.71 21.25
CA ASP B 199 0.52 -11.47 20.00
C ASP B 199 1.69 -11.06 19.14
N VAL B 200 1.90 -9.77 19.02
CA VAL B 200 3.02 -9.31 18.22
C VAL B 200 4.30 -9.89 18.79
N TYR B 201 4.42 -9.89 20.12
CA TYR B 201 5.63 -10.39 20.76
C TYR B 201 5.88 -11.83 20.40
N ALA B 202 4.84 -12.65 20.58
CA ALA B 202 4.91 -14.07 20.27
C ALA B 202 5.42 -14.23 18.85
N PHE B 203 4.87 -13.43 17.96
CA PHE B 203 5.27 -13.43 16.56
C PHE B 203 6.76 -13.13 16.47
N GLY B 204 7.22 -12.24 17.33
CA GLY B 204 8.62 -11.88 17.38
C GLY B 204 9.47 -13.11 17.66
N ILE B 205 9.07 -13.87 18.67
CA ILE B 205 9.76 -15.10 19.02
C ILE B 205 9.76 -16.05 17.83
N VAL B 206 8.60 -16.22 17.22
CA VAL B 206 8.47 -17.03 16.01
C VAL B 206 9.43 -16.53 14.93
N LEU B 207 9.71 -15.23 14.92
CA LEU B 207 10.68 -14.69 13.97
C LEU B 207 12.07 -15.16 14.33
N TYR B 208 12.43 -14.95 15.59
CA TYR B 208 13.70 -15.43 16.12
C TYR B 208 13.85 -16.88 15.71
N GLU B 209 12.77 -17.65 15.92
CA GLU B 209 12.73 -19.05 15.57
C GLU B 209 13.17 -19.34 14.14
N LEU B 210 12.57 -18.65 13.18
CA LEU B 210 12.86 -18.92 11.78
C LEU B 210 14.25 -18.46 11.40
N MET B 211 14.59 -17.25 11.85
CA MET B 211 15.85 -16.64 11.48
C MET B 211 17.04 -17.42 12.07
N THR B 212 16.91 -17.83 13.33
CA THR B 212 17.93 -18.63 14.00
C THR B 212 17.89 -20.08 13.55
N GLY B 213 16.78 -20.72 13.84
CA GLY B 213 16.64 -22.15 13.61
C GLY B 213 16.66 -22.87 14.94
N GLN B 214 16.98 -22.13 16.00
CA GLN B 214 17.00 -22.68 17.35
C GLN B 214 15.94 -21.98 18.19
N LEU B 215 15.35 -22.71 19.11
CA LEU B 215 14.47 -22.07 20.08
C LEU B 215 15.27 -20.99 20.80
N PRO B 216 14.58 -20.00 21.40
CA PRO B 216 15.32 -19.02 22.20
C PRO B 216 15.72 -19.64 23.55
N TYR B 217 16.82 -19.15 24.12
CA TYR B 217 17.28 -19.60 25.42
C TYR B 217 17.75 -21.06 25.42
N SER B 218 18.42 -21.49 24.37
CA SER B 218 18.87 -22.89 24.25
C SER B 218 19.81 -23.36 25.37
N ASN B 219 20.81 -22.54 25.69
CA ASN B 219 21.84 -22.93 26.66
C ASN B 219 21.31 -23.14 28.08
N ILE B 220 20.33 -22.33 28.46
CA ILE B 220 19.80 -22.37 29.82
C ILE B 220 19.05 -23.68 30.04
N ASN B 221 19.49 -24.46 31.03
CA ASN B 221 18.98 -25.81 31.22
C ASN B 221 17.86 -25.92 32.25
N ASN B 222 17.51 -24.80 32.86
CA ASN B 222 16.47 -24.79 33.87
C ASN B 222 15.28 -23.92 33.51
N ARG B 223 14.15 -24.57 33.29
CA ARG B 223 12.91 -23.88 32.96
C ARG B 223 12.64 -22.76 33.95
N ASP B 224 12.66 -23.10 35.24
CA ASP B 224 12.24 -22.19 36.31
C ASP B 224 12.95 -20.84 36.24
N GLN B 225 14.21 -20.88 35.83
CA GLN B 225 14.97 -19.65 35.66
C GLN B 225 14.36 -18.81 34.56
N ILE B 226 14.10 -19.47 33.41
CA ILE B 226 13.59 -18.79 32.24
C ILE B 226 12.35 -17.95 32.54
N ILE B 227 11.34 -18.57 33.12
CA ILE B 227 10.12 -17.87 33.46
C ILE B 227 10.48 -16.63 34.26
N GLU B 228 11.20 -16.83 35.36
CA GLU B 228 11.52 -15.72 36.24
C GLU B 228 12.23 -14.60 35.49
N MET B 229 13.39 -14.91 34.92
CA MET B 229 14.22 -13.90 34.30
C MET B 229 13.36 -13.01 33.40
N VAL B 230 12.82 -13.59 32.34
CA VAL B 230 12.11 -12.85 31.31
C VAL B 230 11.10 -11.84 31.81
N GLY B 231 10.24 -12.25 32.73
CA GLY B 231 9.26 -11.35 33.30
C GLY B 231 9.91 -10.21 34.07
N ARG B 232 11.08 -10.49 34.66
CA ARG B 232 11.83 -9.52 35.49
C ARG B 232 12.68 -8.56 34.65
N GLY B 233 12.77 -8.81 33.35
CA GLY B 233 13.51 -7.96 32.44
C GLY B 233 14.92 -8.44 32.20
N SER B 234 15.43 -9.25 33.13
CA SER B 234 16.82 -9.70 33.09
C SER B 234 17.15 -10.45 31.81
N LEU B 235 16.11 -10.79 31.02
CA LEU B 235 16.33 -11.68 29.90
C LEU B 235 15.59 -11.36 28.59
N SER B 236 16.32 -11.47 27.48
CA SER B 236 15.75 -11.49 26.13
C SER B 236 16.54 -12.46 25.24
N PRO B 237 15.92 -12.89 24.14
CA PRO B 237 16.59 -13.76 23.17
C PRO B 237 17.88 -13.13 22.69
N ASP B 238 18.92 -13.94 22.47
CA ASP B 238 20.19 -13.40 22.07
C ASP B 238 20.21 -13.35 20.56
N LEU B 239 20.12 -12.15 20.02
CA LEU B 239 19.94 -11.98 18.57
C LEU B 239 21.21 -12.30 17.81
N SER B 240 22.35 -12.27 18.49
CA SER B 240 23.63 -12.55 17.85
C SER B 240 23.68 -14.03 17.47
N LYS B 241 22.63 -14.75 17.85
CA LYS B 241 22.46 -16.13 17.44
C LYS B 241 21.84 -16.19 16.04
N VAL B 242 21.22 -15.08 15.62
CA VAL B 242 20.56 -15.06 14.31
C VAL B 242 21.57 -15.34 13.20
N ARG B 243 21.19 -16.16 12.23
CA ARG B 243 22.10 -16.49 11.14
C ARG B 243 22.45 -15.23 10.37
N SER B 244 23.64 -15.20 9.81
CA SER B 244 24.20 -13.99 9.21
C SER B 244 23.42 -13.46 8.00
N ASN B 245 22.80 -14.36 7.25
CA ASN B 245 22.22 -14.02 5.95
C ASN B 245 20.79 -13.48 6.07
N CYS B 246 20.34 -13.30 7.31
CA CYS B 246 19.04 -12.69 7.56
C CYS B 246 19.10 -11.18 7.34
N PRO B 247 18.20 -10.66 6.50
CA PRO B 247 18.17 -9.23 6.16
C PRO B 247 18.11 -8.35 7.39
N LYS B 248 18.84 -7.25 7.35
CA LYS B 248 18.87 -6.23 8.38
C LYS B 248 17.47 -5.79 8.79
N ARG B 249 16.73 -5.25 7.83
CA ARG B 249 15.40 -4.71 8.09
C ARG B 249 14.56 -5.71 8.88
N MET B 250 14.83 -6.99 8.66
CA MET B 250 14.15 -8.05 9.37
C MET B 250 14.56 -8.07 10.82
N LYS B 251 15.84 -8.38 11.04
CA LYS B 251 16.39 -8.54 12.37
C LYS B 251 15.99 -7.36 13.25
N ARG B 252 15.85 -6.20 12.62
CA ARG B 252 15.36 -5.02 13.32
C ARG B 252 13.86 -5.14 13.60
N LEU B 253 13.09 -5.57 12.61
CA LEU B 253 11.65 -5.75 12.79
C LEU B 253 11.40 -6.68 13.97
N MET B 254 12.09 -7.81 13.94
CA MET B 254 12.09 -8.76 15.03
C MET B 254 12.28 -8.08 16.37
N ALA B 255 13.44 -7.45 16.54
CA ALA B 255 13.76 -6.74 17.77
C ALA B 255 12.70 -5.69 18.12
N GLU B 256 11.96 -5.22 17.12
CA GLU B 256 10.83 -4.31 17.34
C GLU B 256 9.70 -5.02 18.08
N CYS B 257 9.38 -6.23 17.62
CA CYS B 257 8.34 -7.05 18.24
C CYS B 257 8.72 -7.46 19.65
N LEU B 258 10.01 -7.73 19.85
CA LEU B 258 10.49 -8.24 21.14
C LEU B 258 10.78 -7.14 22.16
N LYS B 259 10.56 -5.89 21.77
CA LYS B 259 10.72 -4.79 22.70
C LYS B 259 9.88 -5.12 23.93
N LYS B 260 10.43 -4.91 25.12
CA LYS B 260 9.80 -5.42 26.34
C LYS B 260 8.58 -4.64 26.81
N LYS B 261 8.34 -3.49 26.19
CA LYS B 261 7.20 -2.66 26.56
C LYS B 261 6.12 -2.67 25.48
N ARG B 262 4.88 -2.93 25.90
CA ARG B 262 3.80 -3.17 24.97
C ARG B 262 3.80 -2.15 23.83
N ASP B 263 3.93 -0.87 24.19
CA ASP B 263 3.74 0.21 23.23
C ASP B 263 4.98 0.43 22.39
N GLU B 264 6.03 -0.34 22.66
CA GLU B 264 7.24 -0.30 21.84
C GLU B 264 7.12 -1.19 20.60
N ARG B 265 6.20 -2.15 20.68
CA ARG B 265 6.02 -3.12 19.63
C ARG B 265 5.14 -2.59 18.50
N PRO B 266 5.53 -2.89 17.25
CA PRO B 266 4.78 -2.54 16.04
C PRO B 266 3.42 -3.20 16.03
N SER B 267 2.54 -2.71 15.17
CA SER B 267 1.26 -3.39 14.97
C SER B 267 1.25 -4.10 13.62
N PHE B 268 0.55 -5.22 13.57
CA PHE B 268 0.62 -6.13 12.44
C PHE B 268 0.42 -5.49 11.08
N PRO B 269 -0.43 -4.44 11.00
CA PRO B 269 -0.43 -3.76 9.71
C PRO B 269 0.99 -3.36 9.34
N ARG B 270 1.69 -2.72 10.27
CA ARG B 270 3.06 -2.25 10.06
C ARG B 270 4.02 -3.42 9.83
N ILE B 271 3.81 -4.49 10.60
CA ILE B 271 4.70 -5.64 10.56
C ILE B 271 4.65 -6.34 9.21
N LEU B 272 3.45 -6.69 8.79
CA LEU B 272 3.26 -7.27 7.48
C LEU B 272 3.86 -6.36 6.42
N ALA B 273 3.53 -5.07 6.49
CA ALA B 273 3.95 -4.10 5.50
C ALA B 273 5.46 -4.16 5.25
N GLU B 274 6.24 -4.19 6.33
CA GLU B 274 7.68 -4.24 6.21
C GLU B 274 8.18 -5.58 5.64
N ILE B 275 7.63 -6.70 6.12
CA ILE B 275 8.04 -8.03 5.62
C ILE B 275 7.73 -8.21 4.14
N GLU B 276 6.64 -7.60 3.71
CA GLU B 276 6.17 -7.73 2.34
C GLU B 276 7.16 -7.01 1.42
N GLU B 277 7.69 -5.88 1.91
CA GLU B 277 8.72 -5.12 1.19
C GLU B 277 10.09 -5.82 1.20
N LEU B 278 10.54 -6.30 2.37
CA LEU B 278 11.80 -7.03 2.42
C LEU B 278 11.79 -8.15 1.37
N ALA B 279 10.66 -8.84 1.26
CA ALA B 279 10.50 -9.97 0.34
C ALA B 279 10.61 -9.53 -1.11
N ARG B 280 10.16 -8.32 -1.39
CA ARG B 280 10.24 -7.73 -2.72
C ARG B 280 11.69 -7.62 -3.20
N GLU B 281 12.57 -7.09 -2.34
CA GLU B 281 14.00 -7.17 -2.62
C GLU B 281 14.29 -8.64 -2.46
N LEU B 282 15.53 -9.08 -2.69
CA LEU B 282 15.89 -10.46 -2.43
C LEU B 282 14.96 -11.43 -3.17
N SER B 283 14.29 -10.96 -4.23
CA SER B 283 13.30 -11.76 -4.91
C SER B 283 13.91 -12.43 -6.13
N ASP C 9 -1.24 31.33 8.21
CA ASP C 9 -2.10 31.25 7.03
C ASP C 9 -2.51 32.63 6.47
N ASP C 10 -1.54 33.51 6.24
CA ASP C 10 -1.82 34.73 5.51
C ASP C 10 -0.78 34.99 4.43
N TRP C 11 -1.21 34.93 3.18
CA TRP C 11 -0.28 34.98 2.05
C TRP C 11 -0.12 36.30 1.34
N GLU C 12 -0.80 37.34 1.79
CA GLU C 12 -0.64 38.63 1.12
C GLU C 12 0.74 39.21 1.42
N ILE C 13 1.40 39.70 0.38
CA ILE C 13 2.75 40.22 0.51
C ILE C 13 2.74 41.74 0.46
N PRO C 14 3.37 42.37 1.47
CA PRO C 14 3.41 43.82 1.69
C PRO C 14 3.77 44.60 0.44
N ASP C 15 3.31 45.84 0.38
CA ASP C 15 3.59 46.71 -0.75
C ASP C 15 5.09 46.83 -1.01
N GLY C 16 5.48 46.57 -2.25
CA GLY C 16 6.79 46.96 -2.75
C GLY C 16 7.95 46.16 -2.22
N GLN C 17 7.65 44.98 -1.69
CA GLN C 17 8.67 44.10 -1.15
C GLN C 17 9.36 43.39 -2.29
N ILE C 18 8.56 43.04 -3.28
CA ILE C 18 9.02 42.26 -4.43
C ILE C 18 9.77 43.10 -5.46
N THR C 19 10.59 42.44 -6.26
CA THR C 19 11.39 43.14 -7.27
C THR C 19 11.34 42.38 -8.60
N VAL C 20 10.91 43.07 -9.65
CA VAL C 20 10.63 42.42 -10.93
C VAL C 20 11.76 42.47 -11.95
N GLY C 21 12.32 41.30 -12.26
CA GLY C 21 13.38 41.19 -13.23
C GLY C 21 12.85 41.08 -14.63
N GLN C 22 13.59 40.37 -15.47
CA GLN C 22 13.35 40.35 -16.90
C GLN C 22 12.09 39.58 -17.32
N ARG C 23 11.25 40.17 -18.15
CA ARG C 23 9.98 39.52 -18.50
C ARG C 23 10.26 38.11 -19.02
N ILE C 24 9.65 37.10 -18.40
CA ILE C 24 9.90 35.73 -18.76
C ILE C 24 8.85 35.10 -19.68
N GLY C 25 7.68 35.74 -19.75
CA GLY C 25 6.62 35.29 -20.61
C GLY C 25 5.48 36.28 -20.60
N SER C 26 4.74 36.31 -21.69
CA SER C 26 3.68 37.30 -21.90
C SER C 26 2.46 36.57 -22.44
N GLY C 27 1.35 36.69 -21.73
CA GLY C 27 0.16 35.98 -22.13
C GLY C 27 -0.94 36.82 -22.74
N SER C 28 -0.83 38.14 -22.63
CA SER C 28 -1.93 39.00 -23.02
C SER C 28 -3.12 38.70 -22.10
N PHE C 29 -2.97 37.69 -21.24
CA PHE C 29 -3.71 37.64 -19.99
C PHE C 29 -2.91 37.95 -18.72
N GLY C 30 -1.61 38.06 -18.87
CA GLY C 30 -0.72 38.14 -17.72
C GLY C 30 0.70 38.10 -18.19
N THR C 31 1.63 38.31 -17.27
CA THR C 31 3.03 38.33 -17.64
C THR C 31 3.85 37.82 -16.49
N VAL C 32 4.86 37.01 -16.78
CA VAL C 32 5.76 36.58 -15.70
C VAL C 32 7.17 37.15 -15.83
N TYR C 33 7.68 37.63 -14.70
CA TYR C 33 9.00 38.18 -14.61
C TYR C 33 9.79 37.31 -13.66
N LYS C 34 11.11 37.42 -13.74
CA LYS C 34 11.96 36.81 -12.73
C LYS C 34 12.18 37.84 -11.61
N GLY C 35 11.73 37.51 -10.41
CA GLY C 35 11.79 38.44 -9.30
C GLY C 35 12.80 38.12 -8.21
N LYS C 36 12.88 39.03 -7.25
CA LYS C 36 13.61 38.79 -6.01
C LYS C 36 12.69 39.08 -4.84
N TRP C 37 12.31 38.03 -4.13
CA TRP C 37 11.70 38.15 -2.82
C TRP C 37 12.31 37.02 -1.98
N HIS C 38 13.07 37.38 -0.94
CA HIS C 38 13.77 36.38 -0.14
C HIS C 38 14.28 35.28 -1.06
N GLY C 39 15.19 35.61 -1.97
CA GLY C 39 15.66 34.66 -2.95
C GLY C 39 14.98 34.87 -4.28
N ASP C 40 15.15 33.91 -5.20
CA ASP C 40 14.52 33.97 -6.53
C ASP C 40 13.03 33.65 -6.49
N VAL C 41 12.26 34.27 -7.38
CA VAL C 41 10.84 33.98 -7.51
C VAL C 41 10.39 34.22 -8.93
N ALA C 42 9.21 33.69 -9.27
CA ALA C 42 8.55 34.04 -10.52
C ALA C 42 7.26 34.75 -10.15
N VAL C 43 6.93 35.80 -10.90
CA VAL C 43 5.77 36.62 -10.59
C VAL C 43 4.89 36.75 -11.80
N LYS C 44 3.60 36.44 -11.63
CA LYS C 44 2.63 36.66 -12.71
C LYS C 44 1.75 37.86 -12.32
N MET C 45 1.47 38.69 -13.31
CA MET C 45 0.84 39.96 -13.02
C MET C 45 -0.29 40.23 -13.99
N LEU C 46 -1.35 40.83 -13.49
CA LEU C 46 -2.40 41.27 -14.40
C LEU C 46 -2.19 42.76 -14.55
N ASN C 47 -1.55 43.10 -15.66
CA ASN C 47 -0.65 44.25 -15.66
C ASN C 47 -1.35 45.58 -15.58
N VAL C 48 -0.54 46.61 -15.77
CA VAL C 48 -1.02 47.93 -16.13
C VAL C 48 -2.05 48.54 -15.19
N THR C 49 -3.04 49.20 -15.79
CA THR C 49 -3.92 50.09 -15.06
C THR C 49 -4.86 49.34 -14.14
N ALA C 50 -5.73 50.09 -13.46
CA ALA C 50 -6.59 49.50 -12.45
C ALA C 50 -7.21 48.28 -13.10
N PRO C 51 -7.31 47.19 -12.34
CA PRO C 51 -7.63 45.89 -12.95
C PRO C 51 -9.08 45.83 -13.39
N THR C 52 -9.37 44.97 -14.37
CA THR C 52 -10.74 44.76 -14.83
C THR C 52 -11.44 43.77 -13.92
N PRO C 53 -12.77 43.69 -14.01
CA PRO C 53 -13.54 42.70 -13.25
C PRO C 53 -13.19 41.29 -13.71
N GLN C 54 -13.01 41.16 -15.03
CA GLN C 54 -12.57 39.91 -15.62
C GLN C 54 -11.28 39.47 -14.95
N GLN C 55 -10.28 40.33 -15.01
CA GLN C 55 -8.97 40.07 -14.46
C GLN C 55 -9.05 39.72 -12.98
N LEU C 56 -9.74 40.56 -12.22
CA LEU C 56 -9.82 40.35 -10.78
C LEU C 56 -10.35 38.95 -10.49
N GLN C 57 -11.01 38.33 -11.46
CA GLN C 57 -11.36 36.92 -11.29
C GLN C 57 -10.17 35.97 -11.40
N ALA C 58 -9.43 36.04 -12.50
CA ALA C 58 -8.33 35.11 -12.76
C ALA C 58 -7.34 35.13 -11.61
N PHE C 59 -7.35 36.26 -10.90
CA PHE C 59 -6.55 36.42 -9.70
C PHE C 59 -7.20 35.68 -8.55
N LYS C 60 -8.39 36.13 -8.15
CA LYS C 60 -9.10 35.51 -7.05
C LYS C 60 -9.11 33.99 -7.15
N ASN C 61 -9.38 33.46 -8.34
CA ASN C 61 -9.46 32.02 -8.51
C ASN C 61 -8.11 31.34 -8.35
N GLU C 62 -7.12 31.81 -9.10
CA GLU C 62 -5.82 31.15 -9.15
C GLU C 62 -5.14 31.13 -7.78
N VAL C 63 -5.39 32.16 -6.97
CA VAL C 63 -4.87 32.15 -5.62
C VAL C 63 -5.71 31.17 -4.82
N GLY C 64 -7.02 31.19 -5.05
CA GLY C 64 -7.90 30.24 -4.38
C GLY C 64 -7.36 28.83 -4.48
N VAL C 65 -6.95 28.44 -5.68
CA VAL C 65 -6.49 27.09 -5.96
C VAL C 65 -5.14 26.81 -5.36
N LEU C 66 -4.22 27.71 -5.64
CA LEU C 66 -2.82 27.49 -5.32
C LEU C 66 -2.56 27.44 -3.81
N ARG C 67 -3.31 28.25 -3.08
CA ARG C 67 -3.16 28.27 -1.63
C ARG C 67 -3.44 26.89 -1.07
N LYS C 68 -4.20 26.10 -1.80
CA LYS C 68 -4.66 24.79 -1.33
C LYS C 68 -3.66 23.67 -1.64
N THR C 69 -2.50 24.03 -2.20
CA THR C 69 -1.55 23.03 -2.65
C THR C 69 -0.20 23.15 -1.96
N ARG C 70 0.19 22.08 -1.30
CA ARG C 70 1.55 21.92 -0.83
C ARG C 70 2.02 20.55 -1.23
N HIS C 71 2.88 20.45 -2.22
CA HIS C 71 3.34 19.14 -2.62
C HIS C 71 4.63 19.36 -3.33
N VAL C 72 5.47 18.34 -3.36
CA VAL C 72 6.78 18.46 -4.00
C VAL C 72 6.61 18.65 -5.51
N ASN C 73 5.63 17.95 -6.08
CA ASN C 73 5.38 17.99 -7.52
C ASN C 73 4.34 19.00 -7.99
N ILE C 74 3.84 19.82 -7.09
CA ILE C 74 3.06 20.98 -7.52
C ILE C 74 3.92 22.20 -7.38
N LEU C 75 3.94 23.00 -8.43
CA LEU C 75 4.72 24.21 -8.41
C LEU C 75 4.31 24.98 -7.16
N LEU C 76 5.26 25.64 -6.52
CA LEU C 76 5.08 26.11 -5.16
C LEU C 76 4.57 27.52 -5.12
N PHE C 77 3.32 27.66 -4.67
CA PHE C 77 2.70 28.95 -4.48
C PHE C 77 3.24 29.59 -3.22
N MET C 78 3.70 30.82 -3.35
CA MET C 78 4.37 31.53 -2.28
C MET C 78 3.53 32.62 -1.66
N GLY C 79 3.07 33.55 -2.46
CA GLY C 79 2.20 34.61 -1.95
C GLY C 79 1.53 35.40 -3.06
N TYR C 80 0.70 36.36 -2.67
CA TYR C 80 0.02 37.20 -3.64
C TYR C 80 0.15 38.65 -3.25
N SER C 81 -0.08 39.55 -4.21
CA SER C 81 -0.09 40.99 -3.91
C SER C 81 -1.04 41.75 -4.82
N THR C 82 -1.80 42.71 -4.26
CA THR C 82 -2.68 43.56 -5.06
C THR C 82 -2.26 45.03 -5.34
N LYS C 83 -1.20 45.50 -4.69
CA LYS C 83 -1.02 46.94 -4.52
C LYS C 83 -0.75 47.81 -5.76
N PRO C 84 0.42 47.64 -6.43
CA PRO C 84 0.48 48.41 -7.67
C PRO C 84 -0.39 47.75 -8.72
N GLN C 85 -0.21 46.43 -8.82
CA GLN C 85 -0.89 45.61 -9.78
C GLN C 85 -0.98 44.24 -9.16
N LEU C 86 -2.10 43.57 -9.35
CA LEU C 86 -2.27 42.23 -8.82
C LEU C 86 -1.09 41.38 -9.27
N ALA C 87 -0.59 40.55 -8.37
CA ALA C 87 0.55 39.69 -8.70
C ALA C 87 0.50 38.38 -7.92
N ILE C 88 1.03 37.33 -8.55
CA ILE C 88 1.09 36.02 -7.92
C ILE C 88 2.53 35.50 -7.95
N VAL C 89 3.03 35.08 -6.78
CA VAL C 89 4.42 34.66 -6.63
C VAL C 89 4.58 33.17 -6.46
N THR C 90 5.52 32.60 -7.21
CA THR C 90 5.87 31.21 -7.06
C THR C 90 7.38 31.10 -7.04
N GLN C 91 7.88 29.94 -6.64
CA GLN C 91 9.30 29.68 -6.62
C GLN C 91 9.86 29.84 -8.00
N TRP C 92 11.13 30.21 -8.09
CA TRP C 92 11.81 30.24 -9.38
C TRP C 92 12.46 28.89 -9.58
N CYS C 93 12.37 28.33 -10.78
CA CYS C 93 12.93 27.02 -11.03
C CYS C 93 13.79 27.03 -12.26
N GLU C 94 14.93 26.36 -12.21
CA GLU C 94 15.76 26.22 -13.39
C GLU C 94 15.44 24.91 -14.06
N GLY C 95 15.14 24.95 -15.35
CA GLY C 95 14.81 23.73 -16.08
C GLY C 95 14.00 24.08 -17.31
N SER C 96 13.39 23.10 -17.92
CA SER C 96 12.54 23.39 -19.07
C SER C 96 11.33 22.48 -19.11
N SER C 97 10.25 22.97 -19.72
CA SER C 97 9.01 22.22 -19.79
C SER C 97 9.29 20.88 -20.41
N LEU C 98 8.57 19.86 -19.97
CA LEU C 98 8.69 18.54 -20.52
C LEU C 98 8.49 18.64 -22.02
N TYR C 99 7.54 19.47 -22.43
CA TYR C 99 7.29 19.65 -23.84
C TYR C 99 8.60 19.94 -24.49
N HIS C 100 9.26 20.95 -23.94
CA HIS C 100 10.54 21.41 -24.44
C HIS C 100 11.49 20.22 -24.60
N HIS C 101 11.71 19.47 -23.55
CA HIS C 101 12.63 18.35 -23.60
C HIS C 101 12.25 17.33 -24.65
N LEU C 102 11.01 16.90 -24.63
CA LEU C 102 10.58 15.91 -25.60
C LEU C 102 10.66 16.45 -27.03
N HIS C 103 9.89 17.49 -27.33
CA HIS C 103 9.79 17.98 -28.70
C HIS C 103 10.72 19.12 -29.10
N ALA C 104 11.22 19.85 -28.10
CA ALA C 104 11.98 21.08 -28.34
C ALA C 104 13.49 20.93 -28.26
N SER C 105 13.99 19.70 -28.14
CA SER C 105 15.43 19.51 -28.04
C SER C 105 15.86 18.11 -28.43
N GLU C 106 17.16 17.92 -28.66
CA GLU C 106 17.61 16.56 -28.82
C GLU C 106 18.03 16.27 -27.41
N THR C 107 17.09 15.73 -26.65
CA THR C 107 17.32 15.36 -25.28
C THR C 107 16.73 14.00 -25.25
N LYS C 108 17.58 13.02 -25.04
CA LYS C 108 17.14 11.65 -25.01
C LYS C 108 17.20 11.18 -23.58
N PHE C 109 16.06 10.71 -23.10
CA PHE C 109 15.97 10.23 -21.75
C PHE C 109 15.99 8.73 -21.76
N GLU C 110 16.65 8.15 -20.78
CA GLU C 110 16.67 6.70 -20.66
C GLU C 110 15.41 6.31 -19.95
N MET C 111 14.84 5.18 -20.36
CA MET C 111 13.49 4.83 -19.98
C MET C 111 13.24 5.10 -18.50
N LYS C 112 14.23 4.83 -17.64
CA LYS C 112 14.07 5.16 -16.24
C LYS C 112 13.62 6.60 -16.15
N LYS C 113 14.48 7.52 -16.56
CA LYS C 113 14.15 8.90 -16.36
C LYS C 113 12.71 9.11 -16.77
N LEU C 114 12.38 8.66 -17.97
CA LEU C 114 10.98 8.71 -18.42
C LEU C 114 10.02 8.15 -17.38
N ILE C 115 10.14 6.86 -17.08
CA ILE C 115 9.23 6.22 -16.16
C ILE C 115 9.07 7.10 -14.91
N ASP C 116 10.20 7.51 -14.33
CA ASP C 116 10.18 8.33 -13.12
C ASP C 116 9.42 9.64 -13.35
N ILE C 117 9.67 10.28 -14.49
CA ILE C 117 8.89 11.45 -14.87
C ILE C 117 7.40 11.16 -14.75
N ALA C 118 6.98 10.05 -15.37
CA ALA C 118 5.60 9.63 -15.29
C ALA C 118 5.18 9.45 -13.83
N ARG C 119 6.05 8.81 -13.04
CA ARG C 119 5.78 8.58 -11.62
C ARG C 119 5.48 9.89 -10.90
N GLN C 120 6.47 10.77 -10.89
CA GLN C 120 6.35 12.05 -10.23
C GLN C 120 5.13 12.83 -10.69
N THR C 121 4.73 12.65 -11.95
CA THR C 121 3.58 13.37 -12.45
C THR C 121 2.29 12.80 -11.84
N ALA C 122 2.20 11.47 -11.78
CA ALA C 122 1.06 10.82 -11.18
C ALA C 122 0.97 11.11 -9.68
N ARG C 123 2.13 11.20 -9.03
CA ARG C 123 2.16 11.65 -7.64
C ARG C 123 1.50 13.03 -7.58
N GLY C 124 1.98 13.94 -8.42
CA GLY C 124 1.44 15.28 -8.44
C GLY C 124 -0.06 15.27 -8.66
N MET C 125 -0.47 14.60 -9.73
CA MET C 125 -1.87 14.53 -10.13
C MET C 125 -2.77 13.87 -9.09
N ASP C 126 -2.31 12.78 -8.48
CA ASP C 126 -3.11 12.12 -7.48
C ASP C 126 -3.37 13.06 -6.31
N TYR C 127 -2.39 13.90 -6.01
CA TYR C 127 -2.50 14.87 -4.92
C TYR C 127 -3.66 15.82 -5.16
N LEU C 128 -3.66 16.45 -6.33
CA LEU C 128 -4.73 17.37 -6.72
C LEU C 128 -6.09 16.71 -6.55
N HIS C 129 -6.32 15.65 -7.32
CA HIS C 129 -7.58 14.91 -7.31
C HIS C 129 -8.04 14.60 -5.89
N ALA C 130 -7.13 14.11 -5.06
CA ALA C 130 -7.45 13.93 -3.65
C ALA C 130 -7.99 15.21 -3.02
N LYS C 131 -7.43 16.34 -3.42
CA LYS C 131 -7.83 17.62 -2.83
C LYS C 131 -8.98 18.22 -3.63
N SER C 132 -9.51 17.41 -4.53
CA SER C 132 -10.70 17.73 -5.34
C SER C 132 -10.43 18.94 -6.22
N ILE C 133 -9.29 18.88 -6.90
CA ILE C 133 -8.90 19.89 -7.85
C ILE C 133 -8.80 19.22 -9.20
N ILE C 134 -9.51 19.79 -10.17
CA ILE C 134 -9.36 19.30 -11.54
C ILE C 134 -8.47 20.28 -12.30
N HIS C 135 -7.36 19.78 -12.82
CA HIS C 135 -6.39 20.61 -13.50
C HIS C 135 -6.91 21.27 -14.77
N ARG C 136 -7.59 20.50 -15.60
CA ARG C 136 -8.32 21.05 -16.72
C ARG C 136 -7.44 21.37 -17.92
N ASP C 137 -6.13 21.24 -17.78
CA ASP C 137 -5.24 21.51 -18.90
C ASP C 137 -4.06 20.59 -18.99
N LEU C 138 -4.06 19.49 -18.25
CA LEU C 138 -2.81 18.76 -18.16
C LEU C 138 -2.22 18.59 -19.56
N LYS C 139 -0.91 18.79 -19.68
CA LYS C 139 -0.20 18.56 -20.93
C LYS C 139 1.29 18.78 -20.76
N SER C 140 2.07 18.24 -21.69
CA SER C 140 3.52 18.23 -21.51
C SER C 140 4.13 19.62 -21.32
N ASN C 141 3.47 20.64 -21.88
CA ASN C 141 3.90 22.04 -21.68
C ASN C 141 3.83 22.46 -20.21
N ASN C 142 2.76 22.03 -19.53
CA ASN C 142 2.47 22.45 -18.16
C ASN C 142 3.16 21.58 -17.14
N ILE C 143 3.97 20.63 -17.60
CA ILE C 143 4.81 19.87 -16.69
C ILE C 143 6.22 20.43 -16.76
N PHE C 144 6.69 20.98 -15.66
CA PHE C 144 8.01 21.59 -15.64
C PHE C 144 9.07 20.65 -15.07
N LEU C 145 10.26 20.69 -15.64
CA LEU C 145 11.34 19.85 -15.15
C LEU C 145 12.37 20.69 -14.42
N HIS C 146 12.37 20.59 -13.10
CA HIS C 146 13.19 21.46 -12.29
C HIS C 146 14.55 20.85 -12.09
N GLU C 147 15.61 21.62 -12.32
CA GLU C 147 16.97 21.11 -12.13
C GLU C 147 17.15 20.09 -13.22
N ASP C 148 16.06 19.94 -13.98
CA ASP C 148 15.95 18.99 -15.07
C ASP C 148 15.63 17.62 -14.54
N ASN C 149 15.68 17.48 -13.23
CA ASN C 149 15.43 16.21 -12.54
C ASN C 149 14.14 15.94 -11.73
N THR C 150 13.23 16.89 -11.61
CA THR C 150 12.01 16.65 -10.83
C THR C 150 10.82 17.42 -11.38
N VAL C 151 9.62 16.91 -11.13
CA VAL C 151 8.44 17.37 -11.84
C VAL C 151 7.61 18.38 -11.05
N LYS C 152 7.36 19.53 -11.66
CA LYS C 152 6.48 20.53 -11.05
C LYS C 152 5.31 20.84 -11.96
N ILE C 153 4.12 20.50 -11.50
CA ILE C 153 2.89 20.69 -12.28
C ILE C 153 2.27 22.04 -12.00
N GLY C 154 1.71 22.68 -13.04
CA GLY C 154 1.03 23.94 -12.89
C GLY C 154 0.29 24.33 -14.17
N ASP C 155 -0.38 25.48 -14.16
CA ASP C 155 -0.94 25.99 -15.41
C ASP C 155 -0.12 27.20 -15.87
N PHE C 156 0.69 26.95 -16.91
CA PHE C 156 1.61 27.94 -17.44
C PHE C 156 0.89 28.70 -18.51
N GLY C 157 -0.31 28.24 -18.86
CA GLY C 157 -1.09 28.90 -19.88
C GLY C 157 -1.39 30.31 -19.42
N LEU C 158 -0.90 31.28 -20.20
CA LEU C 158 -1.12 32.68 -19.92
C LEU C 158 -2.31 33.23 -20.70
N ALA C 159 -2.85 32.42 -21.63
CA ALA C 159 -4.14 32.70 -22.23
C ALA C 159 -5.24 32.16 -21.30
N SER C 177 -4.64 22.64 -24.62
CA SER C 177 -4.68 22.45 -26.07
C SER C 177 -5.44 21.20 -26.49
N ILE C 178 -5.60 21.10 -27.81
CA ILE C 178 -6.49 20.13 -28.41
C ILE C 178 -6.02 18.68 -28.31
N LEU C 179 -4.71 18.44 -28.49
CA LEU C 179 -4.21 17.07 -28.52
C LEU C 179 -4.59 16.28 -27.28
N TRP C 180 -4.58 16.98 -26.14
CA TRP C 180 -4.84 16.36 -24.85
C TRP C 180 -6.31 16.33 -24.40
N MET C 181 -7.15 17.10 -25.08
CA MET C 181 -8.59 17.06 -24.80
C MET C 181 -9.12 15.65 -25.02
N ALA C 182 -9.78 15.09 -24.00
CA ALA C 182 -10.50 13.86 -24.16
C ALA C 182 -11.70 14.18 -25.03
N PRO C 183 -12.25 13.16 -25.69
CA PRO C 183 -13.35 13.37 -26.64
C PRO C 183 -14.55 14.07 -26.01
N GLU C 184 -15.02 13.60 -24.87
CA GLU C 184 -16.23 14.15 -24.29
C GLU C 184 -16.00 15.61 -23.98
N VAL C 185 -14.73 16.01 -23.94
CA VAL C 185 -14.39 17.41 -23.74
C VAL C 185 -14.55 18.17 -25.04
N ILE C 186 -14.09 17.57 -26.13
CA ILE C 186 -14.17 18.21 -27.43
C ILE C 186 -15.61 18.52 -27.81
N ARG C 187 -16.44 17.49 -27.84
CA ARG C 187 -17.86 17.72 -27.94
C ARG C 187 -18.27 18.42 -26.67
N MET C 188 -18.95 19.55 -26.79
CA MET C 188 -19.37 20.31 -25.62
C MET C 188 -20.22 19.41 -24.74
N GLN C 189 -21.08 18.63 -25.38
CA GLN C 189 -21.88 17.60 -24.71
C GLN C 189 -22.64 18.14 -23.49
N ASP C 190 -22.44 17.49 -22.35
CA ASP C 190 -23.09 17.86 -21.11
C ASP C 190 -22.55 19.19 -20.61
N SER C 191 -23.30 19.83 -19.72
CA SER C 191 -22.91 21.15 -19.22
C SER C 191 -21.48 21.16 -18.67
N ASN C 192 -21.11 20.13 -17.92
CA ASN C 192 -19.73 20.05 -17.44
C ASN C 192 -18.96 18.92 -18.11
N PRO C 193 -18.11 19.28 -19.08
CA PRO C 193 -17.24 18.35 -19.79
C PRO C 193 -16.14 17.81 -18.91
N TYR C 194 -15.56 18.69 -18.08
CA TYR C 194 -14.35 18.39 -17.32
C TYR C 194 -14.60 17.63 -16.02
N SER C 195 -13.77 16.63 -15.76
CA SER C 195 -13.84 15.84 -14.52
C SER C 195 -12.48 15.21 -14.25
N PHE C 196 -12.37 14.47 -13.15
CA PHE C 196 -11.15 13.75 -12.87
C PHE C 196 -10.82 12.86 -14.05
N GLN C 197 -11.86 12.57 -14.82
CA GLN C 197 -11.84 11.60 -15.90
C GLN C 197 -11.09 12.09 -17.13
N SER C 198 -11.46 13.28 -17.58
CA SER C 198 -10.74 13.95 -18.64
C SER C 198 -9.28 14.00 -18.20
N ASP C 199 -9.03 14.46 -16.99
CA ASP C 199 -7.67 14.54 -16.47
C ASP C 199 -6.92 13.22 -16.56
N VAL C 200 -7.62 12.11 -16.33
CA VAL C 200 -7.02 10.81 -16.55
C VAL C 200 -6.59 10.71 -18.00
N TYR C 201 -7.47 11.15 -18.89
CA TYR C 201 -7.20 11.04 -20.31
C TYR C 201 -6.04 11.92 -20.76
N ALA C 202 -6.01 13.16 -20.27
CA ALA C 202 -4.92 14.09 -20.58
C ALA C 202 -3.62 13.44 -20.15
N PHE C 203 -3.68 12.75 -19.03
CA PHE C 203 -2.53 12.04 -18.53
C PHE C 203 -2.14 10.86 -19.44
N GLY C 204 -3.16 10.21 -19.99
CA GLY C 204 -2.93 9.15 -20.95
C GLY C 204 -2.07 9.63 -22.11
N ILE C 205 -2.39 10.80 -22.65
CA ILE C 205 -1.61 11.37 -23.75
C ILE C 205 -0.18 11.67 -23.30
N VAL C 206 -0.04 12.25 -22.11
CA VAL C 206 1.29 12.60 -21.62
C VAL C 206 2.16 11.35 -21.59
N LEU C 207 1.53 10.21 -21.35
CA LEU C 207 2.22 8.94 -21.43
C LEU C 207 2.58 8.65 -22.86
N TYR C 208 1.58 8.72 -23.72
CA TYR C 208 1.82 8.47 -25.11
C TYR C 208 3.02 9.28 -25.56
N GLU C 209 3.11 10.52 -25.08
CA GLU C 209 4.22 11.39 -25.38
C GLU C 209 5.55 10.88 -24.82
N LEU C 210 5.52 10.35 -23.61
CA LEU C 210 6.75 9.90 -22.97
C LEU C 210 7.23 8.61 -23.63
N MET C 211 6.32 7.68 -23.87
CA MET C 211 6.69 6.37 -24.37
C MET C 211 7.08 6.37 -25.83
N THR C 212 6.30 7.02 -26.67
CA THR C 212 6.66 7.17 -28.09
C THR C 212 7.77 8.21 -28.27
N GLY C 213 7.60 9.37 -27.65
CA GLY C 213 8.52 10.46 -27.84
C GLY C 213 7.95 11.43 -28.85
N GLN C 214 6.78 11.08 -29.39
CA GLN C 214 6.13 11.94 -30.36
C GLN C 214 4.76 12.37 -29.87
N LEU C 215 4.33 13.56 -30.30
CA LEU C 215 2.95 13.97 -30.12
C LEU C 215 2.07 13.05 -30.95
N PRO C 216 0.79 12.94 -30.58
CA PRO C 216 -0.17 12.10 -31.32
C PRO C 216 -0.50 12.72 -32.68
N TYR C 217 -1.08 11.93 -33.56
CA TYR C 217 -1.48 12.42 -34.88
C TYR C 217 -0.32 13.17 -35.53
N SER C 218 0.89 12.69 -35.26
CA SER C 218 2.09 13.27 -35.84
C SER C 218 1.89 13.45 -37.34
N ASN C 219 1.28 12.44 -37.96
CA ASN C 219 1.02 12.45 -39.39
C ASN C 219 -0.05 13.44 -39.85
N ILE C 220 -1.03 13.73 -39.01
CA ILE C 220 -2.17 14.53 -39.44
C ILE C 220 -1.95 16.04 -39.27
N ASN C 221 -1.86 16.74 -40.40
CA ASN C 221 -1.45 18.14 -40.40
C ASN C 221 -2.53 19.14 -40.02
N ASN C 222 -3.77 18.93 -40.48
CA ASN C 222 -4.79 19.95 -40.31
C ASN C 222 -5.55 19.74 -39.01
N ARG C 223 -5.29 20.62 -38.06
CA ARG C 223 -5.76 20.42 -36.69
C ARG C 223 -7.26 20.28 -36.68
N ASP C 224 -7.91 20.69 -37.77
CA ASP C 224 -9.35 20.57 -37.85
C ASP C 224 -9.80 19.18 -38.26
N GLN C 225 -8.86 18.38 -38.75
CA GLN C 225 -9.16 16.99 -39.02
C GLN C 225 -9.24 16.26 -37.69
N ILE C 226 -8.23 16.47 -36.85
CA ILE C 226 -8.15 15.84 -35.54
C ILE C 226 -9.38 16.12 -34.70
N ILE C 227 -9.77 17.40 -34.65
CA ILE C 227 -10.87 17.80 -33.78
C ILE C 227 -12.12 16.97 -34.03
N GLU C 228 -12.61 16.96 -35.26
CA GLU C 228 -13.79 16.17 -35.54
C GLU C 228 -13.49 14.70 -35.33
N MET C 229 -12.40 14.24 -35.93
CA MET C 229 -12.08 12.82 -35.93
C MET C 229 -12.00 12.22 -34.53
N VAL C 230 -11.14 12.76 -33.68
CA VAL C 230 -11.01 12.28 -32.30
C VAL C 230 -12.36 12.24 -31.58
N GLY C 231 -13.12 13.32 -31.74
CA GLY C 231 -14.41 13.46 -31.10
C GLY C 231 -15.41 12.40 -31.53
N ARG C 232 -15.62 12.24 -32.83
CA ARG C 232 -16.59 11.26 -33.29
C ARG C 232 -16.20 9.86 -32.81
N GLY C 233 -14.91 9.64 -32.61
CA GLY C 233 -14.40 8.33 -32.25
C GLY C 233 -13.61 7.65 -33.35
N SER C 234 -13.60 8.27 -34.53
CA SER C 234 -12.85 7.75 -35.67
C SER C 234 -11.36 7.64 -35.36
N LEU C 235 -10.90 8.40 -34.37
CA LEU C 235 -9.48 8.60 -34.18
C LEU C 235 -9.00 8.40 -32.75
N SER C 236 -8.00 7.53 -32.60
CA SER C 236 -7.28 7.33 -31.35
C SER C 236 -5.78 7.32 -31.63
N PRO C 237 -4.96 7.66 -30.61
CA PRO C 237 -3.50 7.64 -30.83
C PRO C 237 -3.06 6.28 -31.35
N ASP C 238 -2.12 6.31 -32.28
CA ASP C 238 -1.63 5.08 -32.84
C ASP C 238 -0.49 4.70 -31.94
N LEU C 239 -0.72 3.67 -31.14
CA LEU C 239 0.31 3.18 -30.23
C LEU C 239 1.26 2.46 -31.14
N SER C 240 2.17 1.66 -30.59
CA SER C 240 3.07 0.93 -31.46
C SER C 240 3.98 1.98 -32.06
N LYS C 241 3.65 3.22 -31.79
CA LYS C 241 4.60 4.29 -32.00
C LYS C 241 5.46 4.23 -30.77
N VAL C 242 4.82 3.85 -29.67
CA VAL C 242 5.51 3.64 -28.42
C VAL C 242 6.67 2.72 -28.68
N ARG C 243 7.84 3.11 -28.20
CA ARG C 243 9.06 2.40 -28.49
C ARG C 243 9.04 0.99 -27.92
N SER C 244 9.86 0.13 -28.51
CA SER C 244 9.96 -1.27 -28.13
C SER C 244 10.22 -1.48 -26.63
N ASN C 245 10.88 -0.52 -25.99
CA ASN C 245 11.33 -0.66 -24.61
C ASN C 245 10.25 -0.42 -23.55
N CYS C 246 9.10 0.08 -23.98
CA CYS C 246 8.01 0.37 -23.04
C CYS C 246 7.43 -0.90 -22.43
N PRO C 247 7.55 -1.04 -21.10
CA PRO C 247 7.02 -2.22 -20.39
C PRO C 247 5.58 -2.46 -20.79
N LYS C 248 5.17 -3.72 -20.89
CA LYS C 248 3.80 -4.03 -21.24
C LYS C 248 2.83 -3.34 -20.29
N ARG C 249 3.05 -3.53 -19.00
CA ARG C 249 2.14 -3.00 -17.98
C ARG C 249 1.85 -1.54 -18.27
N MET C 250 2.90 -0.82 -18.70
CA MET C 250 2.81 0.59 -19.03
C MET C 250 1.92 0.89 -20.23
N LYS C 251 2.19 0.22 -21.35
CA LYS C 251 1.41 0.41 -22.56
C LYS C 251 -0.05 0.14 -22.29
N ARG C 252 -0.32 -0.87 -21.48
CA ARG C 252 -1.69 -1.19 -21.12
C ARG C 252 -2.28 0.00 -20.38
N LEU C 253 -1.63 0.36 -19.27
CA LEU C 253 -2.05 1.46 -18.42
C LEU C 253 -2.32 2.70 -19.25
N MET C 254 -1.44 2.96 -20.20
CA MET C 254 -1.66 4.04 -21.15
C MET C 254 -3.01 3.83 -21.82
N ALA C 255 -3.13 2.72 -22.55
CA ALA C 255 -4.33 2.44 -23.30
C ALA C 255 -5.55 2.61 -22.42
N GLU C 256 -5.36 2.28 -21.15
CA GLU C 256 -6.38 2.44 -20.14
C GLU C 256 -6.90 3.86 -20.01
N CYS C 257 -6.00 4.83 -19.82
CA CYS C 257 -6.42 6.21 -19.62
C CYS C 257 -7.09 6.74 -20.89
N LEU C 258 -6.65 6.22 -22.03
CA LEU C 258 -7.09 6.73 -23.31
C LEU C 258 -8.43 6.10 -23.67
N LYS C 259 -8.93 5.25 -22.78
CA LYS C 259 -10.23 4.66 -22.99
C LYS C 259 -11.21 5.78 -23.27
N LYS C 260 -11.93 5.64 -24.37
CA LYS C 260 -12.74 6.73 -24.89
C LYS C 260 -13.89 7.11 -23.97
N LYS C 261 -14.37 6.15 -23.18
CA LYS C 261 -15.52 6.39 -22.31
C LYS C 261 -15.12 6.71 -20.87
N ARG C 262 -15.63 7.81 -20.33
CA ARG C 262 -15.15 8.35 -19.06
C ARG C 262 -14.97 7.30 -17.99
N ASP C 263 -15.96 6.41 -17.87
CA ASP C 263 -15.96 5.40 -16.83
C ASP C 263 -15.07 4.22 -17.20
N GLU C 264 -14.53 4.25 -18.40
CA GLU C 264 -13.58 3.23 -18.82
C GLU C 264 -12.22 3.52 -18.18
N ARG C 265 -11.99 4.78 -17.86
CA ARG C 265 -10.69 5.23 -17.39
C ARG C 265 -10.42 4.94 -15.91
N PRO C 266 -9.17 4.54 -15.60
CA PRO C 266 -8.77 4.37 -14.20
C PRO C 266 -8.69 5.69 -13.43
N SER C 267 -8.66 5.57 -12.10
CA SER C 267 -8.52 6.72 -11.23
C SER C 267 -7.08 6.80 -10.75
N PHE C 268 -6.62 8.02 -10.54
CA PHE C 268 -5.22 8.24 -10.26
C PHE C 268 -4.62 7.41 -9.12
N PRO C 269 -5.41 7.13 -8.07
CA PRO C 269 -4.83 6.19 -7.12
C PRO C 269 -4.49 4.87 -7.81
N ARG C 270 -5.37 4.36 -8.67
CA ARG C 270 -5.12 3.11 -9.40
C ARG C 270 -3.86 3.24 -10.22
N ILE C 271 -3.71 4.42 -10.81
CA ILE C 271 -2.64 4.70 -11.75
C ILE C 271 -1.27 4.79 -11.08
N LEU C 272 -1.16 5.63 -10.06
CA LEU C 272 0.10 5.77 -9.35
C LEU C 272 0.53 4.40 -8.86
N ALA C 273 -0.41 3.68 -8.26
CA ALA C 273 -0.18 2.34 -7.74
C ALA C 273 0.42 1.42 -8.80
N GLU C 274 -0.13 1.44 -10.00
CA GLU C 274 0.50 0.71 -11.08
C GLU C 274 1.92 1.23 -11.26
N ILE C 275 2.03 2.48 -11.70
CA ILE C 275 3.32 3.04 -12.09
C ILE C 275 4.42 2.83 -11.06
N GLU C 276 4.03 2.85 -9.79
CA GLU C 276 4.98 2.59 -8.72
C GLU C 276 5.46 1.14 -8.82
N GLU C 277 4.56 0.23 -9.15
CA GLU C 277 4.92 -1.18 -9.27
C GLU C 277 5.72 -1.48 -10.54
N LEU C 278 5.51 -0.71 -11.61
CA LEU C 278 6.29 -0.92 -12.83
C LEU C 278 7.75 -0.58 -12.56
N ALA C 279 7.94 0.50 -11.82
CA ALA C 279 9.26 1.05 -11.58
C ALA C 279 10.12 0.13 -10.72
N ARG C 280 9.50 -0.43 -9.68
CA ARG C 280 10.19 -1.36 -8.78
C ARG C 280 10.83 -2.47 -9.60
N GLU C 281 10.08 -2.93 -10.58
CA GLU C 281 10.49 -4.02 -11.45
C GLU C 281 11.78 -3.72 -12.18
N LEU C 282 11.76 -2.73 -13.05
CA LEU C 282 12.93 -2.44 -13.88
C LEU C 282 13.96 -1.62 -13.12
N SER C 283 13.68 -1.38 -11.85
CA SER C 283 14.64 -0.76 -10.94
C SER C 283 16.08 -1.22 -11.22
N ASP D 9 -6.96 26.22 1.59
CA ASP D 9 -6.52 26.60 2.93
C ASP D 9 -6.98 25.55 3.93
N ASP D 10 -6.90 24.29 3.51
CA ASP D 10 -7.36 23.16 4.30
C ASP D 10 -6.23 22.15 4.38
N TRP D 11 -5.68 21.95 5.57
CA TRP D 11 -4.58 21.01 5.71
C TRP D 11 -4.83 19.65 6.35
N GLU D 12 -6.02 19.41 6.88
CA GLU D 12 -6.20 18.15 7.58
C GLU D 12 -6.21 17.00 6.58
N ILE D 13 -5.63 15.89 7.00
CA ILE D 13 -5.53 14.72 6.15
C ILE D 13 -6.48 13.65 6.65
N PRO D 14 -7.33 13.15 5.75
CA PRO D 14 -8.34 12.11 5.99
C PRO D 14 -7.82 10.90 6.77
N ASP D 15 -8.71 10.31 7.57
CA ASP D 15 -8.40 9.18 8.43
C ASP D 15 -7.68 8.08 7.66
N GLY D 16 -6.55 7.63 8.21
CA GLY D 16 -5.82 6.49 7.71
C GLY D 16 -5.48 6.43 6.22
N GLN D 17 -5.27 7.58 5.59
CA GLN D 17 -4.81 7.60 4.20
C GLN D 17 -3.29 7.51 4.13
N ILE D 18 -2.67 7.76 5.28
CA ILE D 18 -1.22 7.81 5.40
C ILE D 18 -0.72 6.42 5.75
N THR D 19 0.36 6.00 5.10
CA THR D 19 1.02 4.75 5.46
C THR D 19 2.38 5.06 6.05
N VAL D 20 2.68 4.46 7.21
CA VAL D 20 3.95 4.74 7.89
C VAL D 20 4.99 3.65 7.70
N GLY D 21 6.12 4.03 7.11
CA GLY D 21 7.21 3.11 6.87
C GLY D 21 8.14 3.05 8.06
N GLN D 22 9.41 2.81 7.79
CA GLN D 22 10.39 2.58 8.82
C GLN D 22 10.55 3.73 9.78
N ARG D 23 10.94 3.44 11.00
CA ARG D 23 11.11 4.48 12.01
C ARG D 23 12.48 5.09 11.89
N ILE D 24 12.51 6.36 11.52
CA ILE D 24 13.73 7.12 11.29
C ILE D 24 14.34 7.67 12.57
N GLY D 25 13.49 8.19 13.44
CA GLY D 25 13.98 8.83 14.64
C GLY D 25 12.89 8.99 15.66
N SER D 26 13.32 9.11 16.89
CA SER D 26 12.44 9.41 18.02
C SER D 26 13.12 10.35 19.01
N GLY D 27 12.56 10.43 20.21
CA GLY D 27 11.66 11.51 20.51
C GLY D 27 11.24 11.37 21.94
N SER D 28 9.94 11.21 22.11
CA SER D 28 9.23 11.40 23.37
C SER D 28 9.08 12.89 23.55
N PHE D 29 9.24 13.63 22.46
CA PHE D 29 8.19 14.55 22.02
C PHE D 29 7.52 14.25 20.67
N GLY D 30 8.00 13.20 20.00
CA GLY D 30 7.52 12.84 18.69
C GLY D 30 8.28 11.62 18.18
N THR D 31 7.78 11.00 17.12
CA THR D 31 8.49 9.91 16.47
C THR D 31 8.31 10.07 14.97
N VAL D 32 9.40 10.11 14.21
CA VAL D 32 9.25 10.27 12.77
C VAL D 32 9.46 8.97 11.99
N TYR D 33 8.64 8.78 10.97
CA TYR D 33 8.64 7.56 10.18
C TYR D 33 8.69 7.96 8.73
N LYS D 34 9.36 7.18 7.90
CA LYS D 34 9.23 7.44 6.48
C LYS D 34 7.83 6.99 6.10
N GLY D 35 7.04 7.90 5.52
CA GLY D 35 5.67 7.59 5.19
C GLY D 35 5.44 7.44 3.71
N LYS D 36 4.21 7.11 3.34
CA LYS D 36 3.79 7.26 1.96
C LYS D 36 2.43 7.91 1.89
N TRP D 37 2.39 9.14 1.40
CA TRP D 37 1.13 9.77 1.10
C TRP D 37 1.30 10.52 -0.21
N HIS D 38 0.56 10.11 -1.24
CA HIS D 38 0.75 10.66 -2.59
C HIS D 38 2.22 10.83 -2.81
N GLY D 39 2.94 9.72 -2.83
CA GLY D 39 4.38 9.74 -2.88
C GLY D 39 4.99 9.62 -1.49
N ASP D 40 6.28 9.88 -1.42
CA ASP D 40 7.01 9.78 -0.16
C ASP D 40 6.81 11.03 0.69
N VAL D 41 6.83 10.84 2.01
CA VAL D 41 6.56 11.89 2.98
C VAL D 41 7.20 11.49 4.30
N ALA D 42 7.37 12.46 5.20
CA ALA D 42 7.86 12.17 6.55
C ALA D 42 6.78 12.52 7.58
N VAL D 43 6.61 11.65 8.56
CA VAL D 43 5.54 11.80 9.55
C VAL D 43 6.05 11.88 10.99
N LYS D 44 5.67 12.95 11.70
CA LYS D 44 5.90 13.05 13.14
C LYS D 44 4.58 12.81 13.85
N MET D 45 4.60 12.04 14.93
CA MET D 45 3.36 11.72 15.62
C MET D 45 3.50 11.45 17.11
N LEU D 46 2.37 11.43 17.81
CA LEU D 46 2.35 11.08 19.24
C LEU D 46 1.63 9.73 19.44
N ASN D 47 2.43 8.70 19.71
CA ASN D 47 1.98 7.32 19.67
C ASN D 47 1.28 6.83 20.92
N VAL D 48 1.82 7.25 22.07
CA VAL D 48 1.69 6.52 23.33
C VAL D 48 0.29 6.06 23.68
N THR D 49 -0.67 6.97 23.59
CA THR D 49 -2.01 6.78 24.08
C THR D 49 -2.70 8.07 23.69
N ALA D 50 -4.00 8.18 23.96
CA ALA D 50 -4.67 9.43 23.64
C ALA D 50 -3.80 10.55 24.19
N PRO D 51 -3.72 11.67 23.46
CA PRO D 51 -2.61 12.59 23.68
C PRO D 51 -2.67 13.31 25.01
N THR D 52 -1.51 13.49 25.63
CA THR D 52 -1.41 14.27 26.86
C THR D 52 -1.56 15.75 26.50
N PRO D 53 -1.85 16.59 27.50
CA PRO D 53 -2.13 18.01 27.27
C PRO D 53 -0.89 18.73 26.78
N GLN D 54 0.28 18.29 27.27
CA GLN D 54 1.55 18.82 26.81
C GLN D 54 1.73 18.46 25.34
N GLN D 55 1.47 17.20 25.00
CA GLN D 55 1.52 16.76 23.63
C GLN D 55 0.58 17.60 22.77
N LEU D 56 -0.67 17.72 23.20
CA LEU D 56 -1.64 18.46 22.42
C LEU D 56 -1.20 19.92 22.28
N GLN D 57 -0.09 20.26 22.91
CA GLN D 57 0.56 21.55 22.65
C GLN D 57 1.62 21.53 21.55
N ALA D 58 2.65 20.71 21.71
CA ALA D 58 3.70 20.62 20.70
C ALA D 58 3.06 20.55 19.31
N PHE D 59 1.87 19.94 19.25
CA PHE D 59 1.11 19.80 18.02
C PHE D 59 0.52 21.14 17.59
N LYS D 60 -0.44 21.65 18.37
CA LYS D 60 -1.08 22.92 18.01
C LYS D 60 0.00 23.96 17.75
N ASN D 61 1.14 23.79 18.42
CA ASN D 61 2.25 24.70 18.29
C ASN D 61 2.99 24.57 16.96
N GLU D 62 3.27 23.34 16.55
CA GLU D 62 4.03 23.13 15.31
C GLU D 62 3.19 23.42 14.08
N VAL D 63 1.99 22.86 14.05
CA VAL D 63 1.12 23.05 12.89
C VAL D 63 0.90 24.54 12.68
N GLY D 64 0.78 25.27 13.77
CA GLY D 64 0.57 26.71 13.72
C GLY D 64 1.59 27.48 12.90
N VAL D 65 2.88 27.24 13.18
CA VAL D 65 3.98 27.88 12.44
C VAL D 65 4.26 27.26 11.07
N LEU D 66 4.42 25.94 11.03
CA LEU D 66 4.69 25.28 9.79
C LEU D 66 3.66 25.67 8.72
N ARG D 67 2.40 25.75 9.11
CA ARG D 67 1.36 26.15 8.18
C ARG D 67 1.56 27.59 7.70
N LYS D 68 2.45 28.32 8.36
CA LYS D 68 2.72 29.71 7.97
C LYS D 68 3.87 29.86 6.97
N THR D 69 4.46 28.74 6.56
CA THR D 69 5.64 28.76 5.69
C THR D 69 5.48 28.09 4.30
N ARG D 70 5.65 28.87 3.25
CA ARG D 70 5.92 28.33 1.92
C ARG D 70 7.17 29.00 1.36
N HIS D 71 8.29 28.28 1.39
CA HIS D 71 9.54 28.75 0.84
C HIS D 71 10.41 27.55 0.46
N VAL D 72 11.09 27.65 -0.68
CA VAL D 72 11.91 26.54 -1.17
C VAL D 72 12.97 26.09 -0.16
N ASN D 73 13.47 27.04 0.62
CA ASN D 73 14.53 26.75 1.58
C ASN D 73 13.96 26.34 2.95
N ILE D 74 12.62 26.38 3.09
CA ILE D 74 12.00 25.83 4.30
C ILE D 74 11.37 24.48 3.98
N LEU D 75 11.65 23.50 4.85
CA LEU D 75 11.15 22.15 4.66
C LEU D 75 9.63 22.18 4.44
N LEU D 76 9.17 21.54 3.37
CA LEU D 76 7.76 21.69 3.00
C LEU D 76 6.81 21.02 3.98
N PHE D 77 5.90 21.80 4.54
CA PHE D 77 4.89 21.25 5.43
C PHE D 77 3.74 20.83 4.55
N MET D 78 3.36 19.57 4.65
CA MET D 78 2.31 19.04 3.80
C MET D 78 0.93 19.04 4.47
N GLY D 79 0.80 18.35 5.59
CA GLY D 79 -0.45 18.38 6.34
C GLY D 79 -0.33 17.86 7.76
N TYR D 80 -1.47 17.75 8.43
CA TYR D 80 -1.56 17.17 9.77
C TYR D 80 -2.73 16.20 9.85
N SER D 81 -2.71 15.30 10.82
CA SER D 81 -3.81 14.39 11.03
C SER D 81 -4.01 14.11 12.51
N THR D 82 -5.27 14.01 12.92
CA THR D 82 -5.64 13.91 14.33
C THR D 82 -6.08 12.51 14.79
N LYS D 83 -7.13 12.00 14.15
CA LYS D 83 -7.94 10.91 14.70
C LYS D 83 -7.20 9.64 15.21
N PRO D 84 -6.43 8.95 14.34
CA PRO D 84 -5.79 7.70 14.79
C PRO D 84 -4.69 7.94 15.84
N GLN D 85 -3.89 8.97 15.59
CA GLN D 85 -2.82 9.43 16.46
C GLN D 85 -2.68 10.87 16.02
N LEU D 86 -1.83 11.66 16.65
CA LEU D 86 -1.61 13.01 16.15
C LEU D 86 -0.33 13.00 15.33
N ALA D 87 -0.42 13.43 14.08
CA ALA D 87 0.70 13.31 13.17
C ALA D 87 0.89 14.58 12.37
N ILE D 88 2.14 14.87 12.00
CA ILE D 88 2.44 16.00 11.14
C ILE D 88 3.24 15.51 9.94
N VAL D 89 2.88 15.99 8.75
CA VAL D 89 3.45 15.51 7.49
C VAL D 89 4.24 16.55 6.71
N THR D 90 5.49 16.22 6.42
CA THR D 90 6.31 17.05 5.54
C THR D 90 6.87 16.20 4.41
N GLN D 91 7.39 16.85 3.38
CA GLN D 91 7.98 16.17 2.24
C GLN D 91 9.13 15.28 2.69
N TRP D 92 9.38 14.21 1.93
CA TRP D 92 10.53 13.38 2.17
C TRP D 92 11.73 13.84 1.35
N CYS D 93 12.84 14.13 2.03
CA CYS D 93 14.04 14.62 1.35
C CYS D 93 15.20 13.64 1.51
N GLU D 94 15.86 13.33 0.40
CA GLU D 94 17.07 12.53 0.48
C GLU D 94 18.24 13.46 0.71
N GLY D 95 19.13 13.09 1.62
CA GLY D 95 20.29 13.88 1.94
C GLY D 95 20.68 13.67 3.38
N SER D 96 21.45 14.61 3.92
CA SER D 96 21.72 14.59 5.35
C SER D 96 22.06 16.00 5.83
N SER D 97 22.05 16.17 7.15
CA SER D 97 22.20 17.48 7.76
C SER D 97 23.54 18.10 7.41
N LEU D 98 23.60 19.42 7.53
CA LEU D 98 24.86 20.13 7.41
C LEU D 98 25.84 19.64 8.47
N TYR D 99 25.33 19.50 9.69
CA TYR D 99 26.13 18.96 10.78
C TYR D 99 26.74 17.63 10.34
N HIS D 100 25.91 16.73 9.80
CA HIS D 100 26.42 15.46 9.35
C HIS D 100 27.59 15.68 8.40
N HIS D 101 27.33 16.32 7.28
CA HIS D 101 28.36 16.51 6.27
C HIS D 101 29.62 17.06 6.89
N LEU D 102 29.49 18.20 7.56
CA LEU D 102 30.66 18.87 8.10
C LEU D 102 31.44 18.03 9.08
N HIS D 103 30.79 17.61 10.16
CA HIS D 103 31.48 16.82 11.17
C HIS D 103 31.22 15.30 11.20
N ALA D 104 30.27 14.80 10.42
CA ALA D 104 29.96 13.38 10.46
C ALA D 104 30.58 12.61 9.31
N SER D 105 31.23 13.32 8.41
CA SER D 105 31.82 12.71 7.24
C SER D 105 32.90 13.65 6.78
N GLU D 106 33.78 13.19 5.91
CA GLU D 106 34.88 14.03 5.49
C GLU D 106 34.23 15.13 4.65
N THR D 107 33.67 14.77 3.50
CA THR D 107 32.77 15.66 2.75
C THR D 107 33.26 17.12 2.75
N LYS D 108 34.34 17.37 2.02
CA LYS D 108 34.85 18.73 1.87
C LYS D 108 34.16 19.41 0.70
N PHE D 109 33.58 20.58 0.95
CA PHE D 109 32.84 21.31 -0.06
C PHE D 109 33.70 22.36 -0.73
N GLU D 110 33.48 22.52 -2.03
CA GLU D 110 34.05 23.65 -2.73
C GLU D 110 33.61 24.93 -2.02
N MET D 111 34.51 25.90 -1.92
CA MET D 111 34.18 27.19 -1.34
C MET D 111 32.97 27.80 -2.04
N LYS D 112 32.71 27.40 -3.28
CA LYS D 112 31.50 27.82 -3.97
C LYS D 112 30.27 27.31 -3.24
N LYS D 113 30.21 25.98 -3.08
CA LYS D 113 29.14 25.32 -2.36
C LYS D 113 28.88 26.01 -1.02
N LEU D 114 29.89 26.00 -0.16
CA LEU D 114 29.79 26.60 1.16
C LEU D 114 29.14 27.97 1.12
N ILE D 115 29.60 28.81 0.20
CA ILE D 115 29.01 30.13 0.07
C ILE D 115 27.54 29.99 -0.28
N ASP D 116 27.27 29.15 -1.28
CA ASP D 116 25.91 28.95 -1.75
C ASP D 116 25.04 28.37 -0.65
N ILE D 117 25.56 27.36 0.03
CA ILE D 117 24.88 26.80 1.20
C ILE D 117 24.46 27.95 2.12
N ALA D 118 25.44 28.70 2.58
CA ALA D 118 25.20 29.89 3.39
C ALA D 118 24.13 30.76 2.77
N ARG D 119 24.26 30.99 1.47
CA ARG D 119 23.31 31.85 0.77
C ARG D 119 21.89 31.34 0.94
N GLN D 120 21.65 30.09 0.54
CA GLN D 120 20.32 29.53 0.66
C GLN D 120 19.80 29.74 2.08
N THR D 121 20.59 29.35 3.09
CA THR D 121 20.20 29.50 4.49
C THR D 121 19.75 30.91 4.88
N ALA D 122 20.51 31.91 4.46
CA ALA D 122 20.13 33.28 4.73
C ALA D 122 18.81 33.59 4.03
N ARG D 123 18.62 32.99 2.87
CA ARG D 123 17.36 33.14 2.17
C ARG D 123 16.22 32.64 3.04
N GLY D 124 16.36 31.41 3.52
CA GLY D 124 15.33 30.82 4.36
C GLY D 124 15.06 31.63 5.61
N MET D 125 16.13 31.87 6.38
CA MET D 125 16.04 32.62 7.64
C MET D 125 15.41 34.00 7.48
N ASP D 126 15.77 34.69 6.40
CA ASP D 126 15.19 35.99 6.14
C ASP D 126 13.70 35.82 5.89
N TYR D 127 13.33 34.78 5.15
CA TYR D 127 11.93 34.51 4.91
C TYR D 127 11.22 34.40 6.26
N LEU D 128 11.78 33.58 7.14
CA LEU D 128 11.18 33.37 8.45
C LEU D 128 10.99 34.67 9.16
N HIS D 129 12.07 35.41 9.34
CA HIS D 129 11.98 36.65 10.11
C HIS D 129 10.95 37.59 9.50
N ALA D 130 10.88 37.62 8.18
CA ALA D 130 9.86 38.41 7.48
C ALA D 130 8.46 38.04 7.96
N LYS D 131 8.24 36.76 8.16
CA LYS D 131 6.96 36.27 8.62
C LYS D 131 6.89 36.40 10.15
N SER D 132 7.91 37.03 10.72
CA SER D 132 7.97 37.20 12.16
C SER D 132 7.92 35.86 12.86
N ILE D 133 8.84 34.99 12.47
CA ILE D 133 8.99 33.71 13.12
C ILE D 133 10.42 33.64 13.57
N ILE D 134 10.67 33.21 14.80
CA ILE D 134 12.01 32.95 15.25
C ILE D 134 12.21 31.47 15.44
N HIS D 135 13.26 30.95 14.83
CA HIS D 135 13.53 29.55 14.87
C HIS D 135 13.79 29.11 16.29
N ARG D 136 14.61 29.87 16.98
CA ARG D 136 14.82 29.70 18.39
C ARG D 136 15.74 28.53 18.66
N ASP D 137 16.08 27.80 17.62
CA ASP D 137 17.16 26.85 17.68
C ASP D 137 17.62 26.59 16.28
N LEU D 138 18.66 27.27 15.87
CA LEU D 138 19.16 27.13 14.51
C LEU D 138 20.55 26.57 14.68
N LYS D 139 20.93 25.63 13.82
CA LYS D 139 22.24 25.00 13.94
C LYS D 139 22.42 24.04 12.79
N SER D 140 23.65 23.57 12.61
CA SER D 140 24.00 22.68 11.50
C SER D 140 23.02 21.54 11.33
N ASN D 141 22.69 20.90 12.46
CA ASN D 141 21.75 19.82 12.47
C ASN D 141 20.42 20.18 11.84
N ASN D 142 19.95 21.39 12.10
CA ASN D 142 18.64 21.79 11.60
C ASN D 142 18.68 22.30 10.17
N ILE D 143 19.88 22.34 9.60
CA ILE D 143 19.98 22.54 8.17
C ILE D 143 20.10 21.21 7.46
N PHE D 144 19.20 20.99 6.51
CA PHE D 144 19.19 19.76 5.75
C PHE D 144 19.83 20.01 4.39
N LEU D 145 20.50 19.00 3.85
CA LEU D 145 20.93 19.09 2.46
C LEU D 145 20.20 18.07 1.58
N HIS D 146 19.28 18.61 0.78
CA HIS D 146 18.36 17.90 -0.11
C HIS D 146 19.05 17.76 -1.46
N GLU D 147 19.00 16.58 -2.07
CA GLU D 147 19.74 16.32 -3.30
C GLU D 147 21.24 16.41 -3.00
N ASP D 148 21.56 16.74 -1.74
CA ASP D 148 22.91 17.18 -1.33
C ASP D 148 23.19 18.57 -1.87
N ASN D 149 22.22 19.09 -2.61
CA ASN D 149 22.32 20.37 -3.31
C ASN D 149 21.71 21.56 -2.56
N THR D 150 20.40 21.51 -2.28
CA THR D 150 19.68 22.64 -1.69
C THR D 150 19.28 22.51 -0.22
N VAL D 151 19.21 23.65 0.45
CA VAL D 151 19.07 23.71 1.90
C VAL D 151 17.62 23.83 2.39
N LYS D 152 17.19 22.85 3.19
CA LYS D 152 15.88 22.91 3.86
C LYS D 152 16.08 23.12 5.36
N ILE D 153 15.62 24.26 5.87
CA ILE D 153 15.70 24.53 7.31
C ILE D 153 14.45 24.02 8.04
N GLY D 154 14.64 23.32 9.15
CA GLY D 154 13.52 22.83 9.94
C GLY D 154 13.91 22.72 11.39
N ASP D 155 13.00 22.27 12.25
CA ASP D 155 13.39 21.93 13.62
C ASP D 155 13.24 20.43 13.87
N PHE D 156 14.38 19.75 13.89
CA PHE D 156 14.40 18.32 13.98
C PHE D 156 14.48 17.91 15.41
N GLY D 157 14.66 18.91 16.28
CA GLY D 157 14.70 18.69 17.71
C GLY D 157 13.43 18.02 18.17
N LEU D 158 13.59 16.88 18.84
CA LEU D 158 12.45 16.13 19.34
C LEU D 158 12.11 16.36 20.82
N ALA D 159 12.78 17.29 21.51
CA ALA D 159 12.20 17.75 22.78
C ALA D 159 12.29 19.25 23.09
N THR D 160 11.22 19.98 22.83
CA THR D 160 11.07 21.38 23.25
C THR D 160 9.81 21.82 22.59
N VAL D 161 9.19 22.90 23.09
CA VAL D 161 8.05 23.42 22.35
C VAL D 161 7.71 24.94 22.41
N LYS D 162 7.15 25.33 23.55
CA LYS D 162 5.93 26.18 23.64
C LYS D 162 5.91 27.68 23.34
N SER D 163 6.91 28.42 23.77
CA SER D 163 6.73 29.87 23.85
C SER D 163 6.32 30.51 22.53
N SER D 177 21.04 23.37 20.87
CA SER D 177 22.20 23.12 21.72
C SER D 177 23.08 24.35 21.99
N ILE D 178 24.02 24.14 22.91
CA ILE D 178 24.76 25.23 23.55
C ILE D 178 25.64 26.04 22.60
N LEU D 179 26.34 25.35 21.72
CA LEU D 179 27.32 26.02 20.88
C LEU D 179 26.71 27.16 20.12
N TRP D 180 25.42 27.05 19.83
CA TRP D 180 24.74 28.05 18.99
C TRP D 180 24.00 29.12 19.78
N MET D 181 23.95 28.96 21.10
CA MET D 181 23.24 29.92 21.91
C MET D 181 24.04 31.19 22.09
N ALA D 182 23.46 32.31 21.67
CA ALA D 182 24.01 33.62 21.98
C ALA D 182 24.11 33.72 23.50
N PRO D 183 25.01 34.60 24.00
CA PRO D 183 25.15 34.76 25.44
C PRO D 183 23.85 35.15 26.15
N GLU D 184 23.09 36.09 25.59
CA GLU D 184 21.93 36.62 26.29
C GLU D 184 20.84 35.57 26.43
N VAL D 185 20.94 34.52 25.63
CA VAL D 185 20.07 33.36 25.79
C VAL D 185 20.56 32.49 26.94
N ILE D 186 21.86 32.26 26.95
CA ILE D 186 22.48 31.39 27.95
C ILE D 186 22.18 31.85 29.36
N ARG D 187 22.49 33.10 29.68
CA ARG D 187 22.07 33.63 30.96
C ARG D 187 20.59 33.93 30.74
N MET D 188 19.73 33.23 31.48
CA MET D 188 18.31 33.41 31.28
C MET D 188 18.09 34.90 31.35
N GLN D 189 18.70 35.52 32.35
CA GLN D 189 18.69 36.98 32.45
C GLN D 189 17.23 37.40 32.39
N ASP D 190 16.96 38.37 31.53
CA ASP D 190 15.59 38.71 31.21
C ASP D 190 14.90 37.50 30.60
N SER D 191 13.62 37.35 30.89
CA SER D 191 12.81 36.32 30.27
C SER D 191 12.60 36.64 28.80
N ASN D 192 12.26 35.64 28.00
CA ASN D 192 12.14 35.82 26.56
C ASN D 192 13.42 36.44 25.98
N PRO D 193 14.56 35.77 26.20
CA PRO D 193 15.85 36.16 25.64
C PRO D 193 15.81 36.07 24.11
N TYR D 194 15.05 35.10 23.60
CA TYR D 194 14.97 34.81 22.17
C TYR D 194 14.39 35.92 21.31
N SER D 195 15.12 36.27 20.25
CA SER D 195 14.67 37.26 19.28
C SER D 195 15.37 37.09 17.94
N PHE D 196 15.00 37.91 16.95
CA PHE D 196 15.66 37.87 15.65
C PHE D 196 17.15 37.94 15.86
N GLN D 197 17.54 38.73 16.86
CA GLN D 197 18.95 38.98 17.17
C GLN D 197 19.66 37.67 17.42
N SER D 198 19.14 36.91 18.37
CA SER D 198 19.77 35.64 18.72
C SER D 198 19.93 34.80 17.48
N ASP D 199 18.86 34.73 16.69
CA ASP D 199 18.84 33.95 15.45
C ASP D 199 20.04 34.29 14.59
N VAL D 200 20.20 35.56 14.32
CA VAL D 200 21.34 36.02 13.54
C VAL D 200 22.61 35.47 14.17
N TYR D 201 22.68 35.45 15.49
CA TYR D 201 23.86 34.94 16.16
C TYR D 201 24.06 33.48 15.85
N ALA D 202 23.01 32.68 16.05
CA ALA D 202 23.08 31.25 15.78
C ALA D 202 23.64 31.04 14.39
N PHE D 203 23.12 31.83 13.46
CA PHE D 203 23.56 31.82 12.07
C PHE D 203 25.04 32.12 11.94
N GLY D 204 25.52 33.03 12.77
CA GLY D 204 26.93 33.37 12.78
C GLY D 204 27.78 32.17 13.14
N ILE D 205 27.34 31.40 14.13
CA ILE D 205 28.03 30.19 14.51
C ILE D 205 28.04 29.22 13.33
N VAL D 206 26.92 29.15 12.62
CA VAL D 206 26.85 28.32 11.43
C VAL D 206 27.85 28.80 10.36
N LEU D 207 28.05 30.11 10.25
CA LEU D 207 29.03 30.64 9.32
C LEU D 207 30.42 30.15 9.67
N TYR D 208 30.79 30.34 10.93
CA TYR D 208 32.02 29.78 11.46
C TYR D 208 32.11 28.34 11.01
N GLU D 209 31.11 27.55 11.38
CA GLU D 209 31.06 26.16 11.00
C GLU D 209 31.52 25.97 9.56
N LEU D 210 30.76 26.51 8.61
CA LEU D 210 31.09 26.40 7.19
C LEU D 210 32.53 26.84 6.85
N MET D 211 32.90 28.04 7.30
CA MET D 211 34.19 28.60 6.95
C MET D 211 35.36 27.83 7.57
N THR D 212 35.26 27.50 8.84
CA THR D 212 36.33 26.77 9.52
C THR D 212 36.27 25.27 9.27
N GLY D 213 35.05 24.73 9.21
CA GLY D 213 34.88 23.29 9.03
C GLY D 213 34.91 22.55 10.35
N GLN D 214 35.31 23.26 11.41
CA GLN D 214 35.34 22.71 12.75
C GLN D 214 34.22 23.35 13.57
N LEU D 215 33.69 22.62 14.54
CA LEU D 215 32.81 23.25 15.51
C LEU D 215 33.62 24.34 16.24
N PRO D 216 32.92 25.30 16.88
CA PRO D 216 33.65 26.28 17.70
C PRO D 216 34.03 25.69 19.05
N TYR D 217 35.10 26.20 19.66
CA TYR D 217 35.52 25.70 20.96
C TYR D 217 35.97 24.24 20.92
N SER D 218 36.85 23.91 19.97
CA SER D 218 37.29 22.53 19.77
C SER D 218 38.16 21.95 20.88
N ASN D 219 39.21 22.68 21.31
CA ASN D 219 40.11 22.16 22.34
C ASN D 219 39.50 22.11 23.73
N ILE D 220 38.69 23.11 24.07
CA ILE D 220 38.10 23.14 25.40
C ILE D 220 37.31 21.87 25.65
N ASN D 221 37.75 21.11 26.65
CA ASN D 221 37.19 19.78 26.93
C ASN D 221 35.93 19.75 27.81
N ASN D 222 35.86 20.68 28.75
CA ASN D 222 34.72 20.76 29.65
C ASN D 222 33.55 21.48 28.97
N ARG D 223 32.45 20.76 28.78
CA ARG D 223 31.23 21.35 28.23
C ARG D 223 30.73 22.44 29.17
N ASP D 224 30.84 22.18 30.47
CA ASP D 224 30.40 23.12 31.50
C ASP D 224 31.18 24.40 31.38
N GLN D 225 32.49 24.26 31.16
CA GLN D 225 33.37 25.41 31.06
C GLN D 225 32.86 26.35 29.96
N ILE D 226 32.30 25.76 28.90
CA ILE D 226 31.84 26.55 27.75
C ILE D 226 30.67 27.46 28.10
N ILE D 227 29.60 26.88 28.60
CA ILE D 227 28.41 27.64 28.96
C ILE D 227 28.81 28.83 29.83
N GLU D 228 29.50 28.52 30.93
CA GLU D 228 29.88 29.53 31.90
C GLU D 228 30.66 30.68 31.25
N MET D 229 31.70 30.32 30.52
CA MET D 229 32.60 31.31 29.94
C MET D 229 31.95 32.18 28.87
N VAL D 230 31.00 31.62 28.12
CA VAL D 230 30.42 32.36 26.99
C VAL D 230 29.40 33.40 27.39
N GLY D 231 28.52 33.05 28.32
CA GLY D 231 27.55 34.00 28.80
C GLY D 231 28.29 35.11 29.52
N ARG D 232 29.45 34.78 30.07
CA ARG D 232 30.23 35.70 30.89
C ARG D 232 31.06 36.69 30.07
N GLY D 233 31.11 36.48 28.76
CA GLY D 233 31.87 37.34 27.86
C GLY D 233 33.30 36.88 27.67
N SER D 234 33.75 36.01 28.57
CA SER D 234 35.13 35.52 28.56
C SER D 234 35.50 34.79 27.27
N LEU D 235 34.50 34.46 26.45
CA LEU D 235 34.76 33.60 25.30
C LEU D 235 33.95 33.92 24.04
N SER D 236 34.64 33.85 22.91
CA SER D 236 34.01 33.92 21.59
C SER D 236 34.82 33.00 20.68
N PRO D 237 34.18 32.45 19.62
CA PRO D 237 34.86 31.56 18.66
C PRO D 237 36.13 32.19 18.12
N ASP D 238 37.16 31.38 17.91
CA ASP D 238 38.45 31.90 17.54
C ASP D 238 38.50 31.96 16.02
N LEU D 239 38.43 33.18 15.50
CA LEU D 239 38.26 33.37 14.06
C LEU D 239 39.52 33.02 13.28
N SER D 240 40.66 33.05 13.96
CA SER D 240 41.95 32.70 13.35
C SER D 240 41.95 31.23 12.91
N LYS D 241 40.89 30.50 13.23
CA LYS D 241 40.73 29.15 12.72
C LYS D 241 40.06 29.12 11.37
N VAL D 242 39.42 30.22 10.98
CA VAL D 242 38.74 30.25 9.69
C VAL D 242 39.73 29.93 8.58
N ARG D 243 39.29 29.18 7.58
CA ARG D 243 40.14 28.83 6.45
C ARG D 243 40.55 30.10 5.70
N SER D 244 41.80 30.13 5.24
CA SER D 244 42.39 31.34 4.66
C SER D 244 41.63 31.89 3.45
N ASN D 245 41.06 31.00 2.66
CA ASN D 245 40.46 31.40 1.38
C ASN D 245 39.04 31.93 1.53
N CYS D 246 38.59 32.03 2.78
CA CYS D 246 37.30 32.65 3.08
C CYS D 246 37.39 34.15 2.82
N PRO D 247 36.53 34.66 1.93
CA PRO D 247 36.51 36.07 1.58
C PRO D 247 36.47 36.97 2.80
N LYS D 248 37.16 38.10 2.75
CA LYS D 248 37.19 39.04 3.87
C LYS D 248 35.80 39.54 4.25
N ARG D 249 35.05 40.04 3.29
CA ARG D 249 33.71 40.60 3.55
C ARG D 249 32.86 39.58 4.28
N MET D 250 33.17 38.31 4.04
CA MET D 250 32.48 37.19 4.66
C MET D 250 32.86 37.03 6.14
N LYS D 251 34.17 37.01 6.40
CA LYS D 251 34.69 36.81 7.73
C LYS D 251 34.29 37.96 8.64
N ARG D 252 34.18 39.15 8.06
CA ARG D 252 33.71 40.28 8.81
C ARG D 252 32.23 40.12 9.12
N LEU D 253 31.44 39.75 8.12
CA LEU D 253 30.00 39.55 8.30
C LEU D 253 29.75 38.59 9.45
N MET D 254 30.42 37.45 9.39
CA MET D 254 30.40 36.47 10.48
C MET D 254 30.58 37.16 11.81
N ALA D 255 31.74 37.79 12.01
CA ALA D 255 32.04 38.49 13.24
C ALA D 255 31.01 39.58 13.59
N GLU D 256 30.26 40.04 12.60
CA GLU D 256 29.21 41.01 12.85
C GLU D 256 27.98 40.34 13.46
N CYS D 257 27.76 39.08 13.12
CA CYS D 257 26.68 38.28 13.70
C CYS D 257 27.02 37.85 15.13
N LEU D 258 28.29 37.59 15.38
CA LEU D 258 28.74 37.05 16.67
C LEU D 258 29.05 38.17 17.66
N LYS D 259 28.78 39.41 17.25
CA LYS D 259 28.89 40.53 18.15
C LYS D 259 28.07 40.17 19.38
N LYS D 260 28.65 40.37 20.57
CA LYS D 260 28.05 39.85 21.80
C LYS D 260 26.82 40.63 22.24
N LYS D 261 26.69 41.86 21.75
CA LYS D 261 25.55 42.69 22.07
C LYS D 261 24.51 42.62 20.98
N ARG D 262 23.27 42.39 21.38
CA ARG D 262 22.18 42.20 20.44
C ARG D 262 22.27 43.21 19.32
N ASP D 263 22.18 44.47 19.69
CA ASP D 263 22.04 45.55 18.71
C ASP D 263 23.31 45.80 17.88
N GLU D 264 24.37 45.05 18.19
CA GLU D 264 25.57 45.04 17.35
C GLU D 264 25.37 44.19 16.09
N ARG D 265 24.52 43.17 16.21
CA ARG D 265 24.28 42.21 15.13
C ARG D 265 23.40 42.75 14.02
N PRO D 266 23.76 42.43 12.77
CA PRO D 266 23.03 42.79 11.55
C PRO D 266 21.68 42.10 11.50
N SER D 267 20.81 42.58 10.63
CA SER D 267 19.55 41.90 10.42
C SER D 267 19.50 41.19 9.07
N PHE D 268 18.85 40.04 9.04
CA PHE D 268 18.91 39.16 7.90
C PHE D 268 18.68 39.81 6.54
N PRO D 269 17.84 40.84 6.47
CA PRO D 269 17.84 41.50 5.17
C PRO D 269 19.24 41.95 4.80
N ARG D 270 19.93 42.59 5.72
CA ARG D 270 21.30 43.07 5.50
C ARG D 270 22.28 41.91 5.32
N ILE D 271 22.10 40.85 6.11
CA ILE D 271 22.99 39.71 6.06
C ILE D 271 22.95 39.01 4.72
N LEU D 272 21.74 38.73 4.25
CA LEU D 272 21.56 38.11 2.94
C LEU D 272 22.18 38.99 1.88
N ALA D 273 21.78 40.26 1.86
CA ALA D 273 22.20 41.19 0.82
C ALA D 273 23.71 41.20 0.60
N GLU D 274 24.46 41.08 1.70
CA GLU D 274 25.92 41.07 1.61
C GLU D 274 26.45 39.74 1.06
N ILE D 275 25.85 38.63 1.48
CA ILE D 275 26.27 37.29 1.03
C ILE D 275 25.98 37.06 -0.45
N GLU D 276 24.84 37.60 -0.89
CA GLU D 276 24.40 37.49 -2.27
C GLU D 276 25.41 38.22 -3.15
N GLU D 277 25.96 39.32 -2.63
CA GLU D 277 27.01 40.08 -3.30
C GLU D 277 28.38 39.38 -3.33
N LEU D 278 28.87 38.94 -2.17
CA LEU D 278 30.16 38.25 -2.13
C LEU D 278 30.13 37.07 -3.11
N ALA D 279 28.97 36.44 -3.25
CA ALA D 279 28.81 35.29 -4.13
C ALA D 279 29.03 35.67 -5.58
N ARG D 280 28.39 36.74 -6.02
CA ARG D 280 28.62 37.26 -7.37
C ARG D 280 30.12 37.45 -7.60
N GLU D 281 30.76 38.19 -6.71
CA GLU D 281 32.18 38.55 -6.87
C GLU D 281 33.11 37.37 -7.19
N LEU D 282 33.02 36.29 -6.42
CA LEU D 282 33.70 35.08 -6.84
C LEU D 282 32.66 34.17 -7.45
N SER D 283 32.68 34.07 -8.77
CA SER D 283 31.62 33.38 -9.52
C SER D 283 32.16 32.89 -10.84
C1 B96 E . -18.51 -17.12 -7.91
O1 B96 E . -17.95 -18.11 -8.37
N2 B96 E . -17.88 -15.94 -7.69
C3 B96 E . -16.63 -15.64 -8.10
C4 B96 E . -16.05 -14.47 -7.59
C5 B96 E . -14.73 -14.15 -7.89
C6 B96 E . -14.04 -14.88 -8.86
C31 B96 E . -16.76 -13.62 -6.74
C32 B96 E . -16.17 -12.43 -6.28
C33 B96 E . -14.88 -12.08 -6.65
C34 B96 E . -14.18 -12.94 -7.48
C7 B96 E . -14.57 -16.12 -9.26
C8 B96 E . -15.83 -16.52 -8.82
N9 B96 E . -19.75 -17.16 -7.40
C10 B96 E . -20.62 -18.15 -7.44
C14 B96 E . -20.11 -19.29 -6.97
C13 B96 E . -21.18 -20.04 -6.70
N12 B96 E . -22.24 -19.28 -6.85
N11 B96 E . -21.85 -18.21 -6.96
C15 B96 E . -22.68 -17.27 -7.41
C17 B96 E . -21.82 -21.61 -4.89
C18 B96 E . -22.23 -22.22 -7.26
C19 B96 E . -19.87 -22.17 -6.35
C16 B96 E . -21.26 -21.52 -6.31
C20 B96 E . -24.01 -17.13 -7.03
C21 B96 E . -24.75 -16.08 -7.60
C22 B96 E . -24.20 -15.19 -8.52
C23 B96 E . -22.87 -15.34 -8.89
C24 B96 E . -22.12 -16.36 -8.31
C25 B96 E . -24.96 -14.17 -9.07
O41 B96 E . -12.73 -14.57 -9.14
C42 B96 E . -12.38 -15.44 -10.20
C43 B96 E . -10.94 -15.30 -10.73
N44 B96 E . -9.91 -15.95 -9.90
C45 B96 E . -10.00 -15.57 -8.50
C46 B96 E . -8.91 -16.29 -7.70
O47 B96 E . -7.60 -15.91 -8.23
C48 B96 E . -7.52 -16.27 -9.58
C49 B96 E . -8.58 -15.59 -10.41
C1 B96 F . -8.23 -24.59 16.76
O1 B96 F . -7.13 -24.38 16.25
N2 B96 F . -8.94 -25.73 16.59
C3 B96 F . -8.43 -26.82 16.00
C4 B96 F . -9.35 -27.80 15.59
C5 B96 F . -8.91 -28.92 14.88
C6 B96 F . -7.55 -29.16 14.74
C31 B96 F . -10.70 -27.67 15.88
C32 B96 F . -11.59 -28.67 15.52
C33 B96 F . -11.13 -29.83 14.87
C34 B96 F . -9.78 -29.96 14.59
C7 B96 F . -6.67 -28.11 15.00
C8 B96 F . -7.13 -26.94 15.54
N9 B96 F . -8.95 -23.63 17.37
C10 B96 F . -8.60 -22.41 17.69
C14 B96 F . -8.16 -21.69 16.65
C13 B96 F . -8.25 -20.41 17.04
N12 B96 F . -8.91 -20.43 18.16
N11 B96 F . -9.32 -21.49 18.30
C15 B96 F . -9.79 -21.87 19.50
C17 B96 F . -8.84 -18.06 16.41
C18 B96 F . -6.54 -18.51 17.15
C19 B96 F . -7.32 -19.35 14.92
C16 B96 F . -7.72 -19.10 16.38
C20 B96 F . -10.58 -21.10 20.35
C21 B96 F . -10.98 -21.65 21.58
C22 B96 F . -10.61 -22.93 21.98
C23 B96 F . -9.81 -23.71 21.13
C24 B96 F . -9.43 -23.18 19.90
C25 B96 F . -11.00 -23.45 23.21
O41 B96 F . -7.15 -30.25 14.00
C42 B96 F . -5.71 -30.19 14.14
C43 B96 F . -4.86 -31.19 13.35
N44 B96 F . -4.67 -30.94 11.94
C45 B96 F . -5.92 -30.65 11.24
C46 B96 F . -5.64 -30.40 9.76
O47 B96 F . -5.03 -31.60 9.19
C48 B96 F . -3.81 -31.89 9.87
C49 B96 F . -4.06 -32.13 11.34
C1 B96 G . -0.24 28.18 -12.49
O1 B96 G . 0.32 27.19 -12.95
N2 B96 G . 0.39 29.36 -12.28
C3 B96 G . 1.63 29.65 -12.70
C4 B96 G . 2.22 30.81 -12.19
C5 B96 G . 3.54 31.12 -12.50
C6 B96 G . 4.20 30.40 -13.49
C31 B96 G . 1.52 31.66 -11.33
C32 B96 G . 2.12 32.84 -10.86
C33 B96 G . 3.42 33.18 -11.24
C34 B96 G . 4.10 32.33 -12.09
C7 B96 G . 3.67 29.17 -13.89
C8 B96 G . 2.42 28.78 -13.43
N9 B96 G . -1.46 28.14 -11.97
C10 B96 G . -2.33 27.15 -11.99
C14 B96 G . -1.81 26.01 -11.50
C13 B96 G . -2.87 25.24 -11.23
N12 B96 G . -3.94 26.00 -11.36
N11 B96 G . -3.55 27.09 -11.50
C15 B96 G . -4.39 28.02 -11.95
C17 B96 G . -2.93 23.68 -9.30
C18 B96 G . -4.22 23.18 -11.38
C19 B96 G . -1.73 22.99 -11.37
C16 B96 G . -2.94 23.77 -10.82
C20 B96 G . -5.71 28.23 -11.56
C21 B96 G . -6.42 29.27 -12.17
C22 B96 G . -5.84 30.10 -13.14
C23 B96 G . -4.53 29.91 -13.52
C24 B96 G . -3.82 28.89 -12.89
C25 B96 G . -6.57 31.13 -13.71
O41 B96 G . 5.51 30.71 -13.78
C42 B96 G . 5.83 29.85 -14.85
C43 B96 G . 7.28 30.00 -15.35
N44 B96 G . 8.27 29.37 -14.50
C45 B96 G . 8.14 29.76 -13.10
C46 B96 G . 9.22 29.05 -12.27
O47 B96 G . 10.54 29.44 -12.76
C48 B96 G . 10.66 29.05 -14.11
C49 B96 G . 9.61 29.72 -14.98
C1 B96 H . 10.08 20.74 12.17
O1 B96 H . 11.20 20.94 11.71
N2 B96 H . 9.38 19.60 11.96
C3 B96 H . 9.89 18.49 11.38
C4 B96 H . 8.97 17.51 10.99
C5 B96 H . 9.42 16.37 10.31
C6 B96 H . 10.77 16.14 10.18
C31 B96 H . 7.61 17.65 11.26
C32 B96 H . 6.71 16.64 10.92
C33 B96 H . 7.17 15.48 10.31
C34 B96 H . 8.53 15.34 10.04
C7 B96 H . 11.66 17.19 10.45
C8 B96 H . 11.20 18.38 10.96
N9 B96 H . 9.32 21.69 12.76
C10 B96 H . 9.67 22.91 13.12
C14 B96 H . 10.15 23.64 12.08
C13 B96 H . 10.06 24.92 12.47
N12 B96 H . 9.39 24.91 13.59
N11 B96 H . 8.96 23.84 13.71
C15 B96 H . 8.48 23.46 14.90
C17 B96 H . 9.70 26.65 10.70
C18 B96 H . 10.65 27.32 12.89
C19 B96 H . 12.02 25.99 11.30
C16 B96 H . 10.61 26.21 11.83
C20 B96 H . 7.71 24.23 15.79
C21 B96 H . 7.32 23.67 17.00
C22 B96 H . 7.69 22.37 17.39
C23 B96 H . 8.46 21.60 16.54
C24 B96 H . 8.82 22.16 15.31
C25 B96 H . 7.29 21.84 18.62
O41 B96 H . 11.19 15.03 9.48
C42 B96 H . 12.63 15.09 9.61
C43 B96 H . 13.47 14.08 8.80
N44 B96 H . 13.63 14.35 7.38
C45 B96 H . 12.35 14.66 6.75
C46 B96 H . 12.56 14.92 5.26
O47 B96 H . 13.15 13.73 4.67
C48 B96 H . 14.39 13.41 5.28
C49 B96 H . 14.19 13.15 6.76
#